data_5S7Z
#
_entry.id   5S7Z
#
_cell.length_a   126.941
_cell.length_b   84.689
_cell.length_c   87.734
_cell.angle_alpha   90.000
_cell.angle_beta   130.870
_cell.angle_gamma   90.000
#
_symmetry.space_group_name_H-M   'C 1 2 1'
#
loop_
_entity.id
_entity.type
_entity.pdbx_description
1 polymer 'Activin receptor type-1'
2 non-polymer 4-methyl-3-[4-(1-methylpiperidin-4-yl)phenyl]-5-(3,4,5-trimethoxyphenyl)pyridine
3 non-polymer 1,2-ETHANEDIOL
4 non-polymer 'DIMETHYL SULFOXIDE'
5 non-polymer 'L(+)-TARTARIC ACID'
6 non-polymer 4-bromo-1H-pyrazole
7 non-polymer 'SULFATE ION'
8 water water
#
_entity_poly.entity_id   1
_entity_poly.type   'polypeptide(L)'
_entity_poly.pdbx_seq_one_letter_code
;SMQRTVARDITLLECVGKGRYGEVWRGSWQGENVAVKIFSSRDEKSWFRETELYNTVMLRHENILGFIASDMTSRHSSTQ
LWLITHYHEMGSLYDYLQLTTLDTVSCLRIVLSIASGLAHLHIEIFGTQGKPAIAHRDLKSKNILVKKNGQCCIADLGLA
VMHSQSTNQLDVGNNPRVGTKRYMAPEVLDETIQVDCFDSYKRVDIWAFGLVLWEVARRMVSNGIVEDYKPPFYDVVPND
PSFEDMRKVVCVDQQRPNIPNRWFSDPTLTSLAKLMKECWYQNPSARLTALRIKKTLTKID
;
_entity_poly.pdbx_strand_id   A,B
#
loop_
_chem_comp.id
_chem_comp.type
_chem_comp.name
_chem_comp.formula
BYZ non-polymer 4-bromo-1H-pyrazole 'C3 H3 Br N2'
DMS non-polymer 'DIMETHYL SULFOXIDE' 'C2 H6 O S'
EDO non-polymer 1,2-ETHANEDIOL 'C2 H6 O2'
LU8 non-polymer 4-methyl-3-[4-(1-methylpiperidin-4-yl)phenyl]-5-(3,4,5-trimethoxyphenyl)pyridine 'C27 H32 N2 O3'
SO4 non-polymer 'SULFATE ION' 'O4 S -2'
TLA non-polymer 'L(+)-TARTARIC ACID' 'C4 H6 O6'
#
# COMPACT_ATOMS: atom_id res chain seq x y z
N ARG A 4 -5.95 35.78 21.71
CA ARG A 4 -5.07 34.64 21.27
C ARG A 4 -3.67 35.22 21.02
N THR A 5 -2.70 34.84 21.84
CA THR A 5 -1.26 35.16 21.67
C THR A 5 -0.70 34.10 20.72
N VAL A 6 -0.02 34.56 19.67
CA VAL A 6 0.68 33.67 18.70
C VAL A 6 2.18 33.85 18.94
N ALA A 7 2.77 32.93 19.71
CA ALA A 7 4.21 32.91 20.07
C ALA A 7 4.97 32.37 18.87
N ARG A 8 5.73 33.24 18.21
CA ARG A 8 6.44 32.97 16.95
C ARG A 8 7.94 33.00 17.24
N ASP A 9 8.35 33.48 18.42
CA ASP A 9 9.79 33.60 18.73
C ASP A 9 10.37 32.17 18.72
N ILE A 10 11.43 31.98 17.93
CA ILE A 10 12.31 30.79 18.01
C ILE A 10 13.69 31.27 18.44
N THR A 11 14.24 30.70 19.49
CA THR A 11 15.64 30.91 19.90
C THR A 11 16.56 30.01 19.04
N LEU A 12 17.47 30.60 18.28
CA LEU A 12 18.48 29.86 17.51
C LEU A 12 19.66 29.54 18.44
N LEU A 13 19.99 28.27 18.63
CA LEU A 13 20.93 27.85 19.70
C LEU A 13 22.26 27.47 19.09
N GLU A 14 22.29 26.66 18.04
CA GLU A 14 23.58 26.26 17.45
C GLU A 14 23.39 25.90 15.98
N CYS A 15 24.36 26.28 15.18
CA CYS A 15 24.38 25.98 13.75
C CYS A 15 24.84 24.54 13.57
N VAL A 16 24.06 23.72 12.89
CA VAL A 16 24.36 22.26 12.70
C VAL A 16 24.64 21.98 11.22
N GLY A 17 24.64 23.00 10.37
CA GLY A 17 24.97 22.82 8.95
C GLY A 17 25.09 24.17 8.28
N LYS A 18 26.07 24.32 7.39
CA LYS A 18 26.24 25.54 6.58
C LYS A 18 26.72 25.11 5.21
N GLY A 19 26.14 25.69 4.15
CA GLY A 19 26.54 25.42 2.77
C GLY A 19 26.16 26.55 1.86
N ARG A 20 26.17 26.30 0.56
CA ARG A 20 25.68 27.26 -0.47
C ARG A 20 24.16 27.47 -0.28
N TYR A 21 23.38 26.45 0.13
CA TYR A 21 21.90 26.53 0.35
C TYR A 21 21.55 27.56 1.44
N GLY A 22 22.50 27.88 2.32
CA GLY A 22 22.25 28.58 3.59
C GLY A 22 22.74 27.81 4.79
N GLU A 23 21.98 27.81 5.87
CA GLU A 23 22.35 27.23 7.20
C GLU A 23 21.18 26.47 7.79
N VAL A 24 21.47 25.44 8.58
CA VAL A 24 20.47 24.84 9.50
C VAL A 24 20.94 25.03 10.95
N TRP A 25 20.00 25.44 11.78
CA TRP A 25 20.15 25.69 13.23
C TRP A 25 19.27 24.76 14.04
N ARG A 26 19.81 24.26 15.13
CA ARG A 26 18.97 23.79 16.25
C ARG A 26 18.37 25.02 16.90
N GLY A 27 17.05 25.04 17.03
CA GLY A 27 16.37 26.14 17.72
C GLY A 27 15.43 25.59 18.76
N SER A 28 14.82 26.50 19.50
CA SER A 28 13.92 26.16 20.61
C SER A 28 12.62 26.93 20.39
N TRP A 29 11.51 26.24 20.45
CA TRP A 29 10.18 26.89 20.47
C TRP A 29 9.37 26.30 21.62
N GLN A 30 8.93 27.15 22.56
CA GLN A 30 8.08 26.68 23.68
C GLN A 30 8.76 25.49 24.36
N GLY A 31 10.08 25.52 24.53
CA GLY A 31 10.83 24.51 25.31
C GLY A 31 11.25 23.30 24.50
N GLU A 32 10.86 23.21 23.21
CA GLU A 32 11.06 22.03 22.33
C GLU A 32 12.08 22.34 21.24
N ASN A 33 12.93 21.38 20.90
CA ASN A 33 13.88 21.54 19.77
C ASN A 33 13.08 21.59 18.46
N VAL A 34 13.49 22.51 17.61
CA VAL A 34 13.06 22.55 16.18
C VAL A 34 14.33 22.74 15.35
N ALA A 35 14.26 22.38 14.09
CA ALA A 35 15.35 22.65 13.12
C ALA A 35 14.90 23.82 12.25
N VAL A 36 15.77 24.81 12.09
CA VAL A 36 15.45 26.02 11.30
C VAL A 36 16.43 26.10 10.14
N LYS A 37 15.94 25.95 8.94
CA LYS A 37 16.73 26.16 7.72
C LYS A 37 16.54 27.60 7.26
N ILE A 38 17.64 28.34 7.21
CA ILE A 38 17.67 29.74 6.74
C ILE A 38 18.23 29.69 5.33
N PHE A 39 17.46 30.10 4.33
CA PHE A 39 17.89 29.97 2.92
C PHE A 39 18.79 31.15 2.54
N SER A 40 19.84 30.86 1.77
CA SER A 40 20.60 31.89 1.03
C SER A 40 19.69 32.51 -0.04
N SER A 41 20.00 33.75 -0.44
CA SER A 41 19.33 34.38 -1.61
C SER A 41 19.49 33.46 -2.83
N ARG A 42 20.66 32.81 -2.94
CA ARG A 42 21.07 31.90 -4.04
C ARG A 42 20.01 30.81 -4.24
N ASP A 43 19.38 30.36 -3.15
CA ASP A 43 18.52 29.13 -3.17
C ASP A 43 17.10 29.43 -2.71
N GLU A 44 16.62 30.64 -2.93
CA GLU A 44 15.22 30.99 -2.57
C GLU A 44 14.26 30.04 -3.28
N LYS A 45 14.53 29.58 -4.50
CA LYS A 45 13.54 28.77 -5.24
C LYS A 45 13.30 27.44 -4.50
N SER A 46 14.27 26.94 -3.75
CA SER A 46 14.10 25.70 -2.95
C SER A 46 13.06 25.96 -1.84
N TRP A 47 13.14 27.09 -1.15
CA TRP A 47 12.10 27.45 -0.16
C TRP A 47 10.73 27.55 -0.83
N PHE A 48 10.63 28.23 -1.98
CA PHE A 48 9.33 28.37 -2.68
C PHE A 48 8.78 27.01 -3.07
N ARG A 49 9.62 26.10 -3.56
CA ARG A 49 9.10 24.79 -4.04
C ARG A 49 8.65 23.93 -2.85
N GLU A 50 9.40 23.90 -1.77
CA GLU A 50 9.04 23.09 -0.61
C GLU A 50 7.74 23.67 -0.03
N THR A 51 7.64 24.98 0.02
CA THR A 51 6.45 25.67 0.55
C THR A 51 5.25 25.37 -0.38
N GLU A 52 5.41 25.51 -1.70
CA GLU A 52 4.30 25.23 -2.64
C GLU A 52 3.83 23.79 -2.47
N LEU A 53 4.76 22.86 -2.28
CA LEU A 53 4.38 21.43 -2.15
C LEU A 53 3.54 21.24 -0.86
N TYR A 54 4.02 21.77 0.25
CA TYR A 54 3.33 21.61 1.54
C TYR A 54 2.01 22.38 1.56
N ASN A 55 1.90 23.44 0.77
CA ASN A 55 0.62 24.18 0.65
C ASN A 55 -0.34 23.34 -0.20
N THR A 56 0.16 22.43 -1.01
CA THR A 56 -0.63 21.51 -1.87
C THR A 56 -1.05 20.28 -1.08
N VAL A 57 -0.11 19.69 -0.35
CA VAL A 57 -0.32 18.42 0.40
C VAL A 57 0.49 18.50 1.66
N MET A 58 -0.18 18.37 2.80
CA MET A 58 0.52 18.37 4.10
C MET A 58 1.02 16.95 4.38
N LEU A 59 2.21 16.66 3.87
CA LEU A 59 2.75 15.29 4.05
C LEU A 59 2.90 15.02 5.52
N ARG A 60 2.50 13.83 5.94
CA ARG A 60 2.72 13.38 7.33
C ARG A 60 3.07 11.91 7.29
N HIS A 61 4.32 11.59 7.53
CA HIS A 61 4.81 10.19 7.46
C HIS A 61 6.02 10.04 8.35
N GLU A 62 6.13 8.94 9.06
CA GLU A 62 7.23 8.77 10.04
C GLU A 62 8.60 8.83 9.35
N ASN A 63 8.68 8.60 8.04
CA ASN A 63 10.00 8.60 7.37
C ASN A 63 10.15 9.78 6.39
N ILE A 64 9.37 10.83 6.61
N ILE A 64 9.40 10.84 6.63
CA ILE A 64 9.51 12.15 5.95
CA ILE A 64 9.57 12.14 5.92
C ILE A 64 9.79 13.18 7.03
C ILE A 64 9.74 13.23 6.96
N LEU A 65 10.81 14.02 6.87
CA LEU A 65 11.11 15.03 7.90
C LEU A 65 9.84 15.87 8.15
N GLY A 66 9.49 16.00 9.43
CA GLY A 66 8.20 16.58 9.78
C GLY A 66 8.14 18.08 9.61
N PHE A 67 7.23 18.57 8.78
CA PHE A 67 7.01 20.01 8.54
C PHE A 67 6.38 20.66 9.77
N ILE A 68 6.91 21.81 10.16
CA ILE A 68 6.29 22.69 11.17
C ILE A 68 5.83 24.00 10.50
N ALA A 69 6.70 24.71 9.81
CA ALA A 69 6.34 26.05 9.30
C ALA A 69 7.23 26.50 8.17
N SER A 70 6.68 27.33 7.28
CA SER A 70 7.43 28.14 6.32
C SER A 70 7.19 29.62 6.67
N ASP A 71 8.27 30.35 6.84
CA ASP A 71 8.19 31.77 7.23
C ASP A 71 8.92 32.64 6.23
N MET A 72 8.24 33.67 5.79
CA MET A 72 8.87 34.77 5.03
C MET A 72 8.77 36.03 5.89
N THR A 73 9.89 36.70 6.12
CA THR A 73 9.92 37.94 6.96
C THR A 73 10.56 39.04 6.11
N SER A 74 9.89 40.19 6.06
CA SER A 74 10.37 41.41 5.36
C SER A 74 11.54 41.98 6.17
N ARG A 75 12.68 42.24 5.54
CA ARG A 75 13.79 43.01 6.17
C ARG A 75 13.98 44.31 5.38
N HIS A 76 14.72 45.27 5.95
CA HIS A 76 14.94 46.62 5.35
C HIS A 76 15.19 46.45 3.84
N SER A 77 16.14 45.59 3.47
CA SER A 77 16.69 45.52 2.09
C SER A 77 16.57 44.10 1.51
N SER A 78 15.97 43.15 2.23
CA SER A 78 15.94 41.72 1.81
C SER A 78 14.67 41.03 2.32
N THR A 79 14.44 39.83 1.82
CA THR A 79 13.42 38.89 2.35
C THR A 79 14.17 37.74 3.04
N GLN A 80 13.78 37.40 4.27
CA GLN A 80 14.35 36.28 5.05
C GLN A 80 13.41 35.07 4.91
N LEU A 81 13.94 33.91 4.52
CA LEU A 81 13.12 32.69 4.26
C LEU A 81 13.60 31.60 5.19
N TRP A 82 12.70 31.10 6.03
CA TRP A 82 12.98 30.02 7.00
C TRP A 82 12.05 28.85 6.72
N LEU A 83 12.56 27.63 6.83
CA LEU A 83 11.75 26.40 6.90
C LEU A 83 11.99 25.80 8.27
N ILE A 84 10.92 25.54 9.01
CA ILE A 84 11.01 24.97 10.37
C ILE A 84 10.46 23.56 10.34
N THR A 85 11.26 22.61 10.86
CA THR A 85 10.91 21.19 10.88
C THR A 85 11.18 20.60 12.25
N HIS A 86 10.75 19.36 12.40
CA HIS A 86 11.24 18.49 13.49
C HIS A 86 12.77 18.50 13.52
N TYR A 87 13.32 18.33 14.72
CA TYR A 87 14.78 18.27 14.94
C TYR A 87 15.19 16.84 15.29
N HIS A 88 16.16 16.31 14.56
CA HIS A 88 16.70 14.94 14.80
C HIS A 88 18.13 15.06 15.32
N GLU A 89 18.29 14.90 16.64
CA GLU A 89 19.59 15.25 17.26
C GLU A 89 20.71 14.33 16.77
N MET A 90 20.43 13.14 16.26
CA MET A 90 21.52 12.24 15.80
C MET A 90 22.08 12.70 14.46
N GLY A 91 21.45 13.66 13.79
CA GLY A 91 21.99 14.23 12.56
C GLY A 91 21.73 13.40 11.33
N SER A 92 22.46 13.67 10.26
CA SER A 92 22.20 13.04 8.96
C SER A 92 22.78 11.62 8.96
N LEU A 93 22.25 10.80 8.07
CA LEU A 93 22.81 9.43 7.84
C LEU A 93 24.28 9.53 7.42
N TYR A 94 24.60 10.50 6.59
CA TYR A 94 25.99 10.76 6.17
C TYR A 94 26.89 10.92 7.40
N ASP A 95 26.55 11.78 8.35
N ASP A 95 26.46 11.78 8.34
CA ASP A 95 27.44 11.95 9.53
CA ASP A 95 27.16 12.11 9.61
C ASP A 95 27.40 10.68 10.39
C ASP A 95 27.32 10.82 10.44
N TYR A 96 26.23 10.08 10.55
CA TYR A 96 26.08 8.92 11.45
C TYR A 96 26.99 7.79 10.98
N LEU A 97 27.05 7.56 9.67
CA LEU A 97 27.83 6.43 9.10
C LEU A 97 29.33 6.68 9.24
N GLN A 98 29.78 7.90 9.51
CA GLN A 98 31.24 8.17 9.53
C GLN A 98 31.93 7.37 10.62
N LEU A 99 31.34 7.34 11.80
CA LEU A 99 31.95 6.66 13.00
C LEU A 99 31.18 5.39 13.38
N THR A 100 29.87 5.27 13.08
CA THR A 100 29.05 4.16 13.59
C THR A 100 29.14 2.99 12.61
N THR A 101 29.30 1.77 13.12
CA THR A 101 29.05 0.55 12.34
C THR A 101 27.68 0.00 12.72
N LEU A 102 27.17 -0.91 11.91
CA LEU A 102 25.78 -1.42 12.00
C LEU A 102 25.79 -2.92 12.17
N ASP A 103 24.76 -3.46 12.77
CA ASP A 103 24.47 -4.91 12.72
C ASP A 103 23.36 -5.13 11.72
N THR A 104 23.00 -6.36 11.50
CA THR A 104 21.98 -6.76 10.52
C THR A 104 20.65 -6.04 10.79
N VAL A 105 20.20 -6.05 12.04
CA VAL A 105 18.89 -5.43 12.36
C VAL A 105 18.96 -3.94 12.11
N SER A 106 20.02 -3.26 12.56
N SER A 106 20.01 -3.25 12.55
CA SER A 106 20.13 -1.79 12.44
CA SER A 106 20.06 -1.76 12.41
C SER A 106 20.23 -1.40 10.96
C SER A 106 20.22 -1.40 10.93
N CYS A 107 20.99 -2.16 10.16
CA CYS A 107 21.18 -1.88 8.72
C CYS A 107 19.83 -2.02 8.01
N LEU A 108 19.11 -3.11 8.24
CA LEU A 108 17.84 -3.34 7.57
C LEU A 108 16.82 -2.26 7.99
N ARG A 109 16.84 -1.88 9.26
CA ARG A 109 15.84 -0.90 9.74
C ARG A 109 16.09 0.45 9.06
N ILE A 110 17.34 0.86 8.94
CA ILE A 110 17.70 2.10 8.22
C ILE A 110 17.18 2.04 6.79
N VAL A 111 17.55 1.01 6.03
CA VAL A 111 17.25 1.04 4.58
C VAL A 111 15.77 0.79 4.32
N LEU A 112 15.11 -0.03 5.11
CA LEU A 112 13.64 -0.20 4.93
C LEU A 112 12.91 1.09 5.30
N SER A 113 13.37 1.84 6.30
CA SER A 113 12.68 3.11 6.67
C SER A 113 12.84 4.10 5.50
N ILE A 114 14.03 4.14 4.87
CA ILE A 114 14.22 5.06 3.71
C ILE A 114 13.27 4.65 2.58
N ALA A 115 13.24 3.36 2.24
CA ALA A 115 12.35 2.82 1.18
C ALA A 115 10.90 3.17 1.49
N SER A 116 10.54 3.12 2.76
N SER A 116 10.53 3.11 2.77
CA SER A 116 9.16 3.42 3.19
CA SER A 116 9.15 3.42 3.23
C SER A 116 8.86 4.90 2.92
C SER A 116 8.85 4.90 2.95
N GLY A 117 9.76 5.80 3.34
CA GLY A 117 9.57 7.24 3.07
C GLY A 117 9.50 7.47 1.57
N LEU A 118 10.37 6.81 0.81
CA LEU A 118 10.44 7.07 -0.64
C LEU A 118 9.17 6.56 -1.33
N ALA A 119 8.69 5.37 -0.97
CA ALA A 119 7.46 4.82 -1.55
C ALA A 119 6.30 5.75 -1.22
N HIS A 120 6.27 6.29 -0.02
CA HIS A 120 5.20 7.24 0.39
C HIS A 120 5.24 8.45 -0.54
N LEU A 121 6.42 9.02 -0.79
CA LEU A 121 6.53 10.11 -1.76
C LEU A 121 5.99 9.68 -3.13
N HIS A 122 6.44 8.54 -3.64
CA HIS A 122 6.21 8.14 -5.03
C HIS A 122 4.72 7.86 -5.30
N ILE A 123 3.98 7.38 -4.31
CA ILE A 123 2.63 6.82 -4.59
C ILE A 123 1.58 7.94 -4.60
N GLU A 124 0.73 7.93 -5.61
CA GLU A 124 -0.46 8.82 -5.61
C GLU A 124 -1.55 8.14 -4.77
N ILE A 125 -2.17 8.91 -3.88
CA ILE A 125 -3.29 8.40 -3.04
C ILE A 125 -4.51 9.25 -3.41
N PHE A 126 -5.64 8.63 -3.74
CA PHE A 126 -6.90 9.33 -4.12
C PHE A 126 -7.74 9.60 -2.87
N GLY A 127 -8.60 10.64 -2.96
CA GLY A 127 -9.56 11.05 -1.91
C GLY A 127 -9.65 12.56 -1.82
N GLY A 130 -5.74 12.30 0.50
CA GLY A 130 -4.73 11.68 -0.38
C GLY A 130 -3.57 12.61 -0.67
N LYS A 131 -2.85 12.35 -1.76
CA LYS A 131 -1.65 13.10 -2.16
C LYS A 131 -1.33 12.83 -3.61
N PRO A 132 -0.73 13.82 -4.30
CA PRO A 132 -0.15 13.58 -5.60
C PRO A 132 1.10 12.71 -5.40
N ALA A 133 1.48 12.04 -6.48
CA ALA A 133 2.80 11.38 -6.56
C ALA A 133 3.86 12.47 -6.55
N ILE A 134 4.98 12.17 -5.87
CA ILE A 134 6.10 13.12 -5.68
C ILE A 134 7.39 12.36 -5.96
N ALA A 135 8.27 12.97 -6.75
CA ALA A 135 9.67 12.52 -6.89
C ALA A 135 10.56 13.54 -6.19
N HIS A 136 11.56 13.05 -5.50
CA HIS A 136 12.46 13.87 -4.64
C HIS A 136 13.46 14.67 -5.48
N ARG A 137 14.22 13.97 -6.29
CA ARG A 137 15.21 14.49 -7.25
C ARG A 137 16.54 14.91 -6.59
N ASP A 138 16.73 14.75 -5.28
CA ASP A 138 18.07 14.98 -4.69
C ASP A 138 18.29 14.03 -3.50
N LEU A 139 17.97 12.75 -3.68
CA LEU A 139 18.13 11.77 -2.59
C LEU A 139 19.62 11.48 -2.44
N LYS A 140 20.09 11.49 -1.21
CA LYS A 140 21.49 11.22 -0.86
C LYS A 140 21.55 11.09 0.66
N SER A 141 22.69 10.61 1.17
CA SER A 141 22.82 10.35 2.63
C SER A 141 22.79 11.65 3.46
N LYS A 142 23.17 12.79 2.89
CA LYS A 142 23.08 14.08 3.63
C LYS A 142 21.62 14.55 3.70
N ASN A 143 20.71 14.00 2.89
CA ASN A 143 19.29 14.44 2.90
C ASN A 143 18.43 13.39 3.60
N ILE A 144 19.05 12.62 4.47
CA ILE A 144 18.37 11.60 5.30
C ILE A 144 18.80 11.82 6.73
N LEU A 145 17.85 11.91 7.66
CA LEU A 145 18.21 12.08 9.08
CA LEU A 145 18.17 12.09 9.10
C LEU A 145 17.93 10.79 9.85
N VAL A 146 18.70 10.57 10.89
CA VAL A 146 18.60 9.37 11.77
C VAL A 146 17.77 9.77 12.98
N LYS A 147 16.75 8.97 13.27
CA LYS A 147 15.90 9.15 14.46
C LYS A 147 16.41 8.27 15.59
N LYS A 148 16.05 8.67 16.82
CA LYS A 148 16.47 7.90 18.01
C LYS A 148 15.98 6.46 17.93
N ASN A 149 14.83 6.20 17.29
CA ASN A 149 14.26 4.84 17.24
C ASN A 149 14.92 3.97 16.17
N GLY A 150 15.95 4.47 15.50
CA GLY A 150 16.72 3.65 14.55
C GLY A 150 16.18 3.69 13.15
N GLN A 151 15.03 4.31 12.94
CA GLN A 151 14.50 4.58 11.57
C GLN A 151 15.06 5.90 11.12
N CYS A 152 15.00 6.15 9.81
CA CYS A 152 15.41 7.43 9.19
C CYS A 152 14.22 8.19 8.64
N CYS A 153 14.45 9.44 8.30
CA CYS A 153 13.46 10.21 7.54
C CYS A 153 14.16 11.00 6.43
N ILE A 154 13.42 11.16 5.35
CA ILE A 154 13.88 11.88 4.13
C ILE A 154 13.60 13.37 4.27
N ALA A 155 14.59 14.19 3.96
CA ALA A 155 14.53 15.65 4.03
C ALA A 155 14.74 16.28 2.66
N ASP A 156 14.40 17.56 2.56
CA ASP A 156 14.72 18.50 1.46
C ASP A 156 13.90 18.18 0.22
N LEU A 157 12.72 18.79 0.13
CA LEU A 157 11.85 18.68 -1.05
C LEU A 157 11.97 19.92 -1.95
N GLY A 158 13.11 20.60 -1.87
CA GLY A 158 13.34 21.82 -2.65
C GLY A 158 13.40 21.58 -4.14
N LEU A 159 13.62 20.33 -4.57
N LEU A 159 13.68 20.34 -4.60
CA LEU A 159 13.70 20.01 -6.01
CA LEU A 159 13.71 19.97 -6.05
C LEU A 159 12.57 19.06 -6.39
C LEU A 159 12.54 19.08 -6.41
N ALA A 160 11.63 18.81 -5.46
CA ALA A 160 10.58 17.80 -5.67
C ALA A 160 9.67 18.20 -6.83
N VAL A 161 9.17 17.19 -7.52
CA VAL A 161 8.18 17.33 -8.61
C VAL A 161 6.94 16.50 -8.25
N MET A 162 5.77 17.06 -8.55
CA MET A 162 4.46 16.47 -8.21
C MET A 162 3.79 16.03 -9.51
N HIS A 163 3.03 14.94 -9.49
CA HIS A 163 2.15 14.46 -10.60
C HIS A 163 0.76 14.00 -10.09
N SER A 164 -0.31 14.28 -10.86
CA SER A 164 -1.69 13.69 -10.72
C SER A 164 -2.18 13.09 -12.06
N GLN A 165 -2.26 13.94 -13.09
CA GLN A 165 -2.86 13.69 -14.44
C GLN A 165 -2.21 12.46 -15.08
N ASN A 175 13.23 25.41 -9.58
CA ASN A 175 14.62 25.89 -9.34
C ASN A 175 15.48 25.58 -10.56
N PRO A 176 16.46 26.46 -10.87
CA PRO A 176 17.65 26.08 -11.64
C PRO A 176 18.68 25.25 -10.85
N ARG A 177 18.46 25.05 -9.55
CA ARG A 177 19.13 23.96 -8.79
C ARG A 177 18.97 22.67 -9.58
N VAL A 178 20.01 21.84 -9.63
CA VAL A 178 19.91 20.48 -10.19
C VAL A 178 20.34 19.52 -9.08
N GLY A 179 20.11 18.25 -9.28
CA GLY A 179 20.50 17.26 -8.25
C GLY A 179 22.01 17.24 -7.98
N THR A 180 22.39 16.62 -6.88
CA THR A 180 23.82 16.43 -6.54
C THR A 180 24.46 15.54 -7.62
N LYS A 181 25.55 15.99 -8.24
CA LYS A 181 26.09 15.32 -9.45
CA LYS A 181 26.11 15.33 -9.43
C LYS A 181 26.54 13.89 -9.13
N ARG A 182 27.12 13.66 -7.97
CA ARG A 182 27.65 12.32 -7.60
C ARG A 182 26.53 11.28 -7.70
N TYR A 183 25.31 11.69 -7.36
CA TYR A 183 24.15 10.78 -7.30
C TYR A 183 23.27 10.80 -8.55
N MET A 184 23.63 11.53 -9.62
CA MET A 184 22.82 11.60 -10.83
C MET A 184 22.81 10.28 -11.59
N ALA A 185 21.61 9.86 -11.97
CA ALA A 185 21.40 8.68 -12.83
C ALA A 185 21.96 8.90 -14.22
N PRO A 186 22.28 7.80 -14.93
CA PRO A 186 22.86 7.90 -16.26
C PRO A 186 22.04 8.75 -17.23
N GLU A 187 20.71 8.63 -17.23
CA GLU A 187 19.84 9.38 -18.17
C GLU A 187 19.85 10.87 -17.86
N VAL A 188 20.18 11.27 -16.64
CA VAL A 188 20.38 12.71 -16.30
C VAL A 188 21.71 13.19 -16.89
N LEU A 189 22.74 12.41 -16.71
CA LEU A 189 24.10 12.79 -17.16
C LEU A 189 24.17 12.80 -18.68
N ASP A 190 23.46 11.92 -19.38
CA ASP A 190 23.56 11.85 -20.87
C ASP A 190 22.39 12.61 -21.49
N GLU A 191 21.57 13.24 -20.68
CA GLU A 191 20.49 14.18 -21.08
C GLU A 191 19.47 13.46 -21.97
N THR A 192 19.30 12.16 -21.78
CA THR A 192 18.26 11.36 -22.48
C THR A 192 17.00 11.25 -21.64
N ILE A 193 17.03 11.65 -20.37
CA ILE A 193 15.79 11.53 -19.55
C ILE A 193 14.59 12.16 -20.28
N GLN A 194 13.44 11.45 -20.25
CA GLN A 194 12.16 11.94 -20.81
C GLN A 194 11.56 12.89 -19.79
N VAL A 195 11.82 14.18 -19.95
CA VAL A 195 11.56 15.23 -18.91
C VAL A 195 10.05 15.46 -18.77
N ASP A 196 9.24 15.01 -19.73
CA ASP A 196 7.76 15.17 -19.74
C ASP A 196 7.11 13.95 -19.09
N CYS A 197 7.88 13.02 -18.56
CA CYS A 197 7.35 11.72 -18.09
C CYS A 197 7.58 11.60 -16.58
N PHE A 198 6.52 11.56 -15.76
CA PHE A 198 6.72 11.60 -14.30
C PHE A 198 7.53 10.39 -13.84
N ASP A 199 7.28 9.21 -14.41
CA ASP A 199 7.94 7.94 -14.01
C ASP A 199 9.46 8.10 -14.15
N SER A 200 9.91 8.94 -15.06
CA SER A 200 11.34 9.21 -15.26
C SER A 200 11.95 9.68 -13.95
N TYR A 201 11.24 10.50 -13.21
CA TYR A 201 11.82 11.13 -12.01
C TYR A 201 11.84 10.11 -10.88
N LYS A 202 10.85 9.23 -10.83
N LYS A 202 10.84 9.24 -10.82
CA LYS A 202 10.87 8.15 -9.81
CA LYS A 202 10.86 8.14 -9.82
C LYS A 202 12.10 7.27 -10.08
C LYS A 202 12.11 7.29 -10.08
N ARG A 203 12.40 6.99 -11.35
CA ARG A 203 13.52 6.07 -11.67
C ARG A 203 14.87 6.73 -11.32
N VAL A 204 14.96 8.03 -11.41
CA VAL A 204 16.16 8.78 -10.96
C VAL A 204 16.31 8.64 -9.45
N ASP A 205 15.21 8.70 -8.71
CA ASP A 205 15.29 8.53 -7.25
C ASP A 205 15.74 7.10 -6.95
N ILE A 206 15.24 6.10 -7.67
CA ILE A 206 15.64 4.70 -7.38
C ILE A 206 17.14 4.51 -7.56
N TRP A 207 17.72 5.08 -8.61
CA TRP A 207 19.19 5.04 -8.81
C TRP A 207 19.89 5.57 -7.56
N ALA A 208 19.49 6.74 -7.11
CA ALA A 208 20.13 7.41 -5.97
C ALA A 208 19.92 6.56 -4.71
N PHE A 209 18.73 5.98 -4.53
CA PHE A 209 18.46 5.07 -3.40
C PHE A 209 19.46 3.92 -3.41
N GLY A 210 19.70 3.35 -4.57
CA GLY A 210 20.65 2.23 -4.65
C GLY A 210 22.04 2.65 -4.15
N LEU A 211 22.47 3.86 -4.51
CA LEU A 211 23.78 4.39 -4.00
C LEU A 211 23.77 4.52 -2.47
N VAL A 212 22.67 5.02 -1.92
CA VAL A 212 22.53 5.15 -0.46
C VAL A 212 22.56 3.74 0.15
N LEU A 213 21.88 2.78 -0.46
CA LEU A 213 21.89 1.39 0.06
C LEU A 213 23.35 0.93 0.16
N TRP A 214 24.14 1.18 -0.88
CA TRP A 214 25.58 0.82 -0.90
C TRP A 214 26.33 1.52 0.22
N GLU A 215 26.09 2.79 0.45
CA GLU A 215 26.83 3.55 1.50
C GLU A 215 26.57 2.92 2.88
N VAL A 216 25.32 2.50 3.12
CA VAL A 216 24.88 1.96 4.42
C VAL A 216 25.46 0.54 4.56
N ALA A 217 25.31 -0.28 3.53
CA ALA A 217 25.67 -1.72 3.59
C ALA A 217 27.16 -1.82 3.91
N ARG A 218 27.99 -0.94 3.39
CA ARG A 218 29.43 -0.97 3.67
C ARG A 218 29.71 -0.91 5.19
N ARG A 219 28.83 -0.25 5.95
CA ARG A 219 29.07 -0.06 7.39
C ARG A 219 28.43 -1.17 8.23
N MET A 220 27.81 -2.15 7.62
CA MET A 220 27.26 -3.33 8.32
C MET A 220 28.40 -4.35 8.54
N VAL A 221 28.59 -4.75 9.78
CA VAL A 221 29.68 -5.71 10.14
C VAL A 221 29.22 -7.12 9.75
N SER A 222 30.11 -7.91 9.15
CA SER A 222 29.88 -9.37 9.00
C SER A 222 31.21 -10.07 9.21
N ASN A 223 31.17 -11.19 9.93
N ASN A 223 31.18 -11.12 10.02
CA ASN A 223 32.40 -12.00 10.20
CA ASN A 223 32.38 -11.99 10.18
C ASN A 223 33.55 -11.06 10.61
C ASN A 223 33.54 -11.11 10.63
N GLY A 224 33.27 -10.08 11.46
CA GLY A 224 34.30 -9.19 12.01
C GLY A 224 34.87 -8.18 11.04
N ILE A 225 34.29 -8.05 9.85
CA ILE A 225 34.80 -7.16 8.79
C ILE A 225 33.76 -6.04 8.58
N VAL A 226 34.27 -4.86 8.29
CA VAL A 226 33.45 -3.71 7.86
C VAL A 226 34.26 -2.84 6.90
N GLU A 227 33.59 -2.18 5.96
CA GLU A 227 34.32 -1.19 5.14
C GLU A 227 34.24 0.17 5.83
N ASP A 228 35.25 1.00 5.62
CA ASP A 228 35.24 2.44 5.98
C ASP A 228 34.09 3.15 5.24
N TYR A 229 33.55 4.19 5.84
CA TYR A 229 32.58 5.05 5.12
C TYR A 229 33.29 5.67 3.91
N LYS A 230 32.71 5.49 2.76
CA LYS A 230 33.05 6.26 1.54
C LYS A 230 31.78 6.67 0.82
N PRO A 231 31.83 7.81 0.11
CA PRO A 231 30.72 8.20 -0.76
C PRO A 231 30.76 7.41 -2.04
N PRO A 232 29.61 7.29 -2.73
CA PRO A 232 29.55 6.59 -4.01
C PRO A 232 30.59 7.19 -4.97
N PHE A 233 31.29 6.29 -5.66
CA PHE A 233 32.25 6.63 -6.73
C PHE A 233 33.50 7.32 -6.17
N TYR A 234 33.77 7.13 -4.88
CA TYR A 234 34.95 7.75 -4.23
C TYR A 234 36.25 7.35 -4.94
N ASP A 235 36.26 6.19 -5.57
CA ASP A 235 37.49 5.62 -6.16
C ASP A 235 37.68 6.03 -7.60
N VAL A 236 36.72 6.72 -8.22
CA VAL A 236 36.79 6.99 -9.68
C VAL A 236 36.53 8.44 -10.05
N VAL A 237 36.11 9.31 -9.12
CA VAL A 237 35.88 10.75 -9.42
C VAL A 237 36.52 11.56 -8.32
N PRO A 238 36.88 12.83 -8.61
CA PRO A 238 37.34 13.72 -7.56
C PRO A 238 36.26 14.16 -6.57
N ASN A 239 36.68 14.83 -5.49
CA ASN A 239 35.74 15.62 -4.69
C ASN A 239 35.09 16.65 -5.61
N ASP A 240 33.82 16.96 -5.41
CA ASP A 240 33.07 17.94 -6.20
C ASP A 240 33.26 17.58 -7.66
N PRO A 241 32.88 16.34 -8.04
CA PRO A 241 33.07 15.88 -9.41
C PRO A 241 32.27 16.74 -10.38
N SER A 242 32.82 16.93 -11.58
CA SER A 242 32.09 17.67 -12.62
C SER A 242 31.01 16.80 -13.22
N PHE A 243 30.11 17.43 -13.92
CA PHE A 243 29.09 16.75 -14.74
C PHE A 243 29.81 15.78 -15.68
N GLU A 244 30.84 16.24 -16.39
CA GLU A 244 31.62 15.39 -17.31
C GLU A 244 32.29 14.23 -16.59
N ASP A 245 32.89 14.47 -15.43
CA ASP A 245 33.53 13.39 -14.65
C ASP A 245 32.50 12.27 -14.43
N MET A 246 31.31 12.65 -14.00
CA MET A 246 30.26 11.68 -13.69
C MET A 246 29.77 11.00 -14.96
N ARG A 247 29.58 11.75 -16.04
CA ARG A 247 29.05 11.16 -17.29
C ARG A 247 30.03 10.09 -17.80
N LYS A 248 31.32 10.36 -17.73
CA LYS A 248 32.31 9.39 -18.24
CA LYS A 248 32.32 9.39 -18.25
C LYS A 248 32.23 8.09 -17.43
N VAL A 249 32.16 8.21 -16.11
CA VAL A 249 32.08 7.02 -15.24
C VAL A 249 30.79 6.26 -15.48
N VAL A 250 29.66 6.94 -15.35
CA VAL A 250 28.34 6.29 -15.23
C VAL A 250 27.80 5.90 -16.62
N CYS A 251 28.01 6.76 -17.62
CA CYS A 251 27.37 6.59 -18.96
C CYS A 251 28.35 5.94 -19.93
N VAL A 252 29.55 6.47 -20.03
CA VAL A 252 30.47 6.02 -21.09
C VAL A 252 31.09 4.68 -20.69
N ASP A 253 31.66 4.61 -19.49
CA ASP A 253 32.32 3.36 -19.01
C ASP A 253 31.31 2.45 -18.32
N GLN A 254 30.18 2.97 -17.87
CA GLN A 254 29.07 2.18 -17.26
C GLN A 254 29.59 1.51 -15.97
N GLN A 255 30.43 2.21 -15.22
CA GLN A 255 30.91 1.73 -13.90
C GLN A 255 29.76 1.79 -12.89
N ARG A 256 29.87 0.92 -11.89
CA ARG A 256 28.94 0.87 -10.75
C ARG A 256 29.78 0.64 -9.52
N PRO A 257 29.26 1.03 -8.34
CA PRO A 257 30.01 0.80 -7.10
C PRO A 257 30.38 -0.67 -6.92
N ASN A 258 31.59 -0.90 -6.44
N ASN A 258 31.58 -0.86 -6.36
CA ASN A 258 32.08 -2.28 -6.29
CA ASN A 258 32.18 -2.18 -6.05
C ASN A 258 31.46 -2.92 -5.04
C ASN A 258 31.36 -2.91 -4.98
N ILE A 259 31.09 -4.19 -5.19
CA ILE A 259 30.56 -5.05 -4.10
C ILE A 259 31.73 -5.88 -3.56
N PRO A 260 32.18 -5.65 -2.30
CA PRO A 260 33.28 -6.42 -1.75
C PRO A 260 32.96 -7.90 -1.61
N ASN A 261 34.00 -8.73 -1.79
CA ASN A 261 33.84 -10.17 -1.65
C ASN A 261 33.20 -10.56 -0.32
N ARG A 262 33.60 -9.92 0.77
CA ARG A 262 33.13 -10.31 2.12
C ARG A 262 31.61 -10.26 2.20
N TRP A 263 30.94 -9.45 1.38
CA TRP A 263 29.45 -9.42 1.42
C TRP A 263 28.88 -10.79 1.07
N PHE A 264 29.54 -11.58 0.21
CA PHE A 264 28.98 -12.84 -0.32
C PHE A 264 29.07 -13.98 0.71
N SER A 265 29.70 -13.76 1.85
CA SER A 265 29.65 -14.66 3.03
C SER A 265 28.47 -14.33 3.93
N ASP A 266 27.77 -13.21 3.73
CA ASP A 266 26.67 -12.79 4.62
C ASP A 266 25.36 -12.80 3.85
N PRO A 267 24.28 -13.50 4.32
CA PRO A 267 23.05 -13.59 3.54
C PRO A 267 22.40 -12.22 3.37
N THR A 268 22.47 -11.36 4.39
CA THR A 268 21.85 -10.02 4.32
C THR A 268 22.57 -9.18 3.26
N LEU A 269 23.89 -9.12 3.34
CA LEU A 269 24.65 -8.29 2.36
C LEU A 269 24.55 -8.88 0.97
N THR A 270 24.45 -10.21 0.84
CA THR A 270 24.25 -10.83 -0.49
C THR A 270 22.92 -10.32 -1.09
N SER A 271 21.85 -10.33 -0.30
CA SER A 271 20.52 -9.88 -0.73
C SER A 271 20.55 -8.38 -1.03
N LEU A 272 21.27 -7.60 -0.24
CA LEU A 272 21.34 -6.14 -0.46
C LEU A 272 22.13 -5.85 -1.74
N ALA A 273 23.16 -6.61 -2.04
CA ALA A 273 23.93 -6.43 -3.30
C ALA A 273 23.02 -6.66 -4.50
N LYS A 274 22.17 -7.68 -4.46
CA LYS A 274 21.22 -7.98 -5.55
C LYS A 274 20.24 -6.81 -5.70
N LEU A 275 19.81 -6.26 -4.58
CA LEU A 275 18.86 -5.15 -4.61
C LEU A 275 19.51 -3.93 -5.24
N MET A 276 20.72 -3.60 -4.82
CA MET A 276 21.50 -2.46 -5.41
C MET A 276 21.57 -2.63 -6.92
N LYS A 277 21.97 -3.81 -7.42
CA LYS A 277 22.12 -4.11 -8.86
C LYS A 277 20.83 -3.72 -9.58
N GLU A 278 19.69 -3.99 -8.97
N GLU A 278 19.69 -4.02 -8.95
CA GLU A 278 18.39 -3.80 -9.64
CA GLU A 278 18.34 -3.84 -9.56
C GLU A 278 17.94 -2.35 -9.54
C GLU A 278 17.88 -2.38 -9.44
N CYS A 279 18.66 -1.51 -8.79
CA CYS A 279 18.45 -0.05 -8.79
C CYS A 279 19.35 0.64 -9.80
N TRP A 280 20.33 -0.07 -10.36
CA TRP A 280 21.44 0.56 -11.14
C TRP A 280 21.43 0.19 -12.62
N TYR A 281 20.35 -0.42 -13.12
CA TYR A 281 20.29 -0.74 -14.56
C TYR A 281 20.44 0.56 -15.36
N GLN A 282 21.18 0.49 -16.48
CA GLN A 282 21.27 1.62 -17.43
CA GLN A 282 21.29 1.61 -17.45
C GLN A 282 19.88 2.00 -17.93
N ASN A 283 19.05 1.02 -18.23
CA ASN A 283 17.68 1.20 -18.70
C ASN A 283 16.81 1.57 -17.48
N PRO A 284 16.32 2.81 -17.41
CA PRO A 284 15.56 3.26 -16.24
C PRO A 284 14.35 2.39 -15.98
N SER A 285 13.66 1.94 -17.04
CA SER A 285 12.41 1.18 -16.84
C SER A 285 12.68 -0.24 -16.32
N ALA A 286 13.93 -0.72 -16.26
CA ALA A 286 14.28 -2.05 -15.71
C ALA A 286 14.44 -1.97 -14.18
N ARG A 287 14.60 -0.76 -13.66
CA ARG A 287 14.89 -0.60 -12.21
C ARG A 287 13.66 -1.00 -11.40
N LEU A 288 13.90 -1.50 -10.21
CA LEU A 288 12.83 -1.84 -9.24
C LEU A 288 12.09 -0.58 -8.86
N THR A 289 10.85 -0.75 -8.41
CA THR A 289 10.05 0.32 -7.81
C THR A 289 10.31 0.35 -6.32
N ALA A 290 10.03 1.51 -5.70
CA ALA A 290 10.16 1.65 -4.24
C ALA A 290 9.33 0.58 -3.51
N LEU A 291 8.12 0.32 -4.01
CA LEU A 291 7.25 -0.70 -3.36
C LEU A 291 7.90 -2.07 -3.46
N ARG A 292 8.49 -2.44 -4.60
CA ARG A 292 9.15 -3.76 -4.73
C ARG A 292 10.40 -3.81 -3.85
N ILE A 293 11.14 -2.70 -3.70
CA ILE A 293 12.28 -2.66 -2.76
C ILE A 293 11.78 -2.93 -1.33
N LYS A 294 10.68 -2.29 -0.92
CA LYS A 294 10.17 -2.55 0.45
C LYS A 294 9.87 -4.03 0.62
N LYS A 295 9.18 -4.63 -0.35
CA LYS A 295 8.78 -6.04 -0.18
C LYS A 295 10.03 -6.90 -0.03
N THR A 296 11.01 -6.68 -0.90
CA THR A 296 12.28 -7.44 -0.86
C THR A 296 12.94 -7.28 0.49
N LEU A 297 13.01 -6.06 1.02
CA LEU A 297 13.63 -5.79 2.33
C LEU A 297 12.86 -6.49 3.45
N THR A 298 11.54 -6.59 3.38
CA THR A 298 10.77 -7.25 4.46
C THR A 298 10.99 -8.76 4.46
N LYS A 299 11.45 -9.35 3.36
CA LYS A 299 11.68 -10.81 3.26
C LYS A 299 13.14 -11.13 3.58
N ILE A 300 14.00 -10.11 3.72
CA ILE A 300 15.43 -10.31 4.10
C ILE A 300 15.46 -10.50 5.62
N ASP A 301 16.01 -11.63 6.09
CA ASP A 301 16.19 -12.01 7.51
C ASP A 301 14.83 -12.22 8.17
N ALA B 7 -46.10 -1.01 -12.10
CA ALA B 7 -46.03 -1.01 -10.58
C ALA B 7 -44.58 -0.79 -10.16
N ARG B 8 -44.10 0.44 -10.30
CA ARG B 8 -42.68 0.83 -10.07
C ARG B 8 -42.47 1.40 -8.66
N ASP B 9 -43.53 1.78 -7.95
CA ASP B 9 -43.43 2.56 -6.68
C ASP B 9 -42.84 1.71 -5.56
N ILE B 10 -42.14 2.37 -4.64
CA ILE B 10 -41.46 1.70 -3.49
C ILE B 10 -41.70 2.54 -2.25
N THR B 11 -42.06 1.89 -1.17
CA THR B 11 -42.19 2.51 0.17
C THR B 11 -40.98 2.12 1.02
N LEU B 12 -40.22 3.10 1.52
CA LEU B 12 -39.09 2.83 2.44
C LEU B 12 -39.63 2.65 3.86
N LEU B 13 -39.35 1.51 4.50
CA LEU B 13 -39.98 1.16 5.80
C LEU B 13 -39.01 1.31 6.97
N GLU B 14 -37.78 0.80 6.87
CA GLU B 14 -36.81 0.93 7.99
C GLU B 14 -35.38 0.87 7.47
N CYS B 15 -34.49 1.62 8.12
CA CYS B 15 -33.05 1.55 7.81
C CYS B 15 -32.49 0.28 8.44
N VAL B 16 -31.79 -0.56 7.67
CA VAL B 16 -31.18 -1.82 8.19
C VAL B 16 -29.64 -1.70 8.18
N GLY B 17 -29.09 -0.53 7.85
CA GLY B 17 -27.64 -0.37 7.70
C GLY B 17 -27.28 1.03 7.25
N LYS B 18 -26.24 1.60 7.84
CA LYS B 18 -25.81 2.99 7.59
C LYS B 18 -24.31 3.03 7.89
N GLY B 19 -23.54 3.62 7.00
CA GLY B 19 -22.10 3.83 7.15
C GLY B 19 -21.63 4.91 6.20
N ARG B 20 -20.32 4.96 5.94
CA ARG B 20 -19.71 5.88 4.95
C ARG B 20 -20.18 5.48 3.53
N TYR B 21 -20.55 4.23 3.27
CA TYR B 21 -21.01 3.78 1.93
C TYR B 21 -22.33 4.49 1.56
N GLY B 22 -23.15 4.81 2.54
CA GLY B 22 -24.56 5.20 2.33
C GLY B 22 -25.43 4.45 3.31
N GLU B 23 -26.61 4.04 2.88
CA GLU B 23 -27.65 3.47 3.77
C GLU B 23 -28.31 2.34 3.01
N VAL B 24 -28.77 1.32 3.71
CA VAL B 24 -29.67 0.33 3.10
C VAL B 24 -30.98 0.36 3.88
N TRP B 25 -32.07 0.30 3.14
CA TRP B 25 -33.46 0.30 3.68
C TRP B 25 -34.16 -0.98 3.27
N ARG B 26 -34.98 -1.49 4.19
CA ARG B 26 -36.04 -2.42 3.81
C ARG B 26 -37.18 -1.57 3.25
N GLY B 27 -37.62 -1.86 2.04
CA GLY B 27 -38.79 -1.17 1.48
C GLY B 27 -39.80 -2.18 0.98
N SER B 28 -40.97 -1.69 0.57
CA SER B 28 -42.06 -2.51 -0.01
C SER B 28 -42.25 -2.18 -1.49
N TRP B 29 -42.37 -3.21 -2.33
CA TRP B 29 -42.57 -3.09 -3.80
C TRP B 29 -43.44 -4.24 -4.30
N GLN B 30 -44.54 -3.92 -5.00
CA GLN B 30 -45.53 -4.91 -5.50
C GLN B 30 -45.77 -5.96 -4.41
N GLY B 31 -46.09 -5.53 -3.18
CA GLY B 31 -46.37 -6.42 -2.04
C GLY B 31 -45.14 -6.97 -1.31
N GLU B 32 -43.97 -7.01 -1.95
CA GLU B 32 -42.78 -7.78 -1.49
C GLU B 32 -41.75 -6.86 -0.79
N ASN B 33 -41.00 -7.39 0.17
CA ASN B 33 -39.81 -6.69 0.72
C ASN B 33 -38.78 -6.55 -0.39
N VAL B 34 -38.12 -5.39 -0.45
CA VAL B 34 -36.94 -5.18 -1.34
C VAL B 34 -35.92 -4.45 -0.50
N ALA B 35 -34.65 -4.54 -0.88
CA ALA B 35 -33.56 -3.77 -0.28
C ALA B 35 -33.26 -2.57 -1.18
N VAL B 36 -33.16 -1.42 -0.57
CA VAL B 36 -32.90 -0.16 -1.29
C VAL B 36 -31.64 0.44 -0.70
N LYS B 37 -30.56 0.38 -1.48
CA LYS B 37 -29.32 1.06 -1.11
C LYS B 37 -29.31 2.47 -1.72
N ILE B 38 -29.03 3.44 -0.87
CA ILE B 38 -28.83 4.85 -1.28
C ILE B 38 -27.36 5.16 -1.05
N PHE B 39 -26.61 5.45 -2.10
CA PHE B 39 -25.15 5.58 -2.00
C PHE B 39 -24.80 6.96 -1.50
N SER B 40 -23.71 7.09 -0.76
CA SER B 40 -23.14 8.41 -0.44
C SER B 40 -22.55 9.00 -1.71
N SER B 41 -22.52 10.33 -1.87
CA SER B 41 -21.91 10.91 -3.09
C SER B 41 -20.42 10.58 -3.13
N ARG B 42 -19.83 10.33 -1.97
CA ARG B 42 -18.41 9.95 -1.85
C ARG B 42 -18.20 8.61 -2.59
N ASP B 43 -19.26 7.83 -2.84
CA ASP B 43 -19.09 6.47 -3.41
C ASP B 43 -19.83 6.33 -4.76
N GLU B 44 -19.98 7.44 -5.46
CA GLU B 44 -20.75 7.47 -6.71
C GLU B 44 -20.12 6.50 -7.74
N LYS B 45 -18.81 6.28 -7.72
CA LYS B 45 -18.19 5.38 -8.72
C LYS B 45 -18.56 3.92 -8.44
N SER B 46 -18.79 3.55 -7.19
CA SER B 46 -19.28 2.18 -6.89
C SER B 46 -20.68 2.00 -7.46
N TRP B 47 -21.56 2.97 -7.30
CA TRP B 47 -22.92 2.87 -7.85
C TRP B 47 -22.83 2.56 -9.35
N PHE B 48 -22.05 3.35 -10.07
CA PHE B 48 -22.00 3.21 -11.54
C PHE B 48 -21.43 1.85 -11.89
N ARG B 49 -20.39 1.42 -11.17
CA ARG B 49 -19.75 0.13 -11.47
C ARG B 49 -20.72 -1.04 -11.22
N GLU B 50 -21.46 -0.98 -10.11
CA GLU B 50 -22.43 -2.03 -9.79
C GLU B 50 -23.47 -2.06 -10.88
N THR B 51 -23.88 -0.90 -11.40
CA THR B 51 -24.87 -0.80 -12.48
C THR B 51 -24.30 -1.42 -13.77
N GLU B 52 -23.05 -1.16 -14.12
CA GLU B 52 -22.40 -1.82 -15.29
C GLU B 52 -22.46 -3.35 -15.09
N LEU B 53 -22.16 -3.84 -13.89
CA LEU B 53 -22.10 -5.30 -13.63
C LEU B 53 -23.49 -5.92 -13.78
N TYR B 54 -24.50 -5.29 -13.20
CA TYR B 54 -25.87 -5.86 -13.21
C TYR B 54 -26.54 -5.72 -14.58
N ASN B 55 -25.94 -4.99 -15.52
CA ASN B 55 -26.43 -4.94 -16.92
C ASN B 55 -26.33 -6.35 -17.54
N THR B 56 -25.48 -7.22 -17.02
CA THR B 56 -25.25 -8.56 -17.60
C THR B 56 -26.38 -9.51 -17.19
N VAL B 57 -27.28 -9.86 -18.11
CA VAL B 57 -28.39 -10.81 -17.80
C VAL B 57 -27.82 -12.12 -17.26
N MET B 58 -26.71 -12.65 -17.79
CA MET B 58 -26.21 -13.99 -17.34
C MET B 58 -25.42 -13.91 -16.02
N LEU B 59 -25.31 -12.73 -15.42
CA LEU B 59 -24.81 -12.65 -14.02
C LEU B 59 -25.77 -13.35 -13.07
N ARG B 60 -27.06 -13.40 -13.35
CA ARG B 60 -28.12 -13.91 -12.43
C ARG B 60 -27.74 -15.34 -11.98
N HIS B 61 -27.77 -15.57 -10.68
CA HIS B 61 -27.36 -16.86 -10.11
C HIS B 61 -27.93 -16.94 -8.71
N GLU B 62 -28.27 -18.15 -8.25
CA GLU B 62 -28.84 -18.34 -6.89
C GLU B 62 -27.90 -17.78 -5.81
N ASN B 63 -26.58 -17.75 -6.05
CA ASN B 63 -25.61 -17.33 -5.01
C ASN B 63 -25.03 -15.94 -5.31
N ILE B 64 -25.71 -15.12 -6.11
CA ILE B 64 -25.39 -13.68 -6.34
C ILE B 64 -26.65 -12.87 -6.02
N LEU B 65 -26.48 -11.83 -5.22
CA LEU B 65 -27.59 -10.94 -4.83
C LEU B 65 -28.37 -10.50 -6.08
N GLY B 66 -29.68 -10.78 -6.07
CA GLY B 66 -30.55 -10.54 -7.23
C GLY B 66 -30.89 -9.07 -7.38
N PHE B 67 -30.64 -8.55 -8.57
CA PHE B 67 -30.87 -7.16 -8.97
C PHE B 67 -32.32 -6.93 -9.41
N ILE B 68 -32.92 -5.82 -9.01
CA ILE B 68 -34.25 -5.36 -9.48
C ILE B 68 -34.08 -4.10 -10.34
N ALA B 69 -33.39 -3.08 -9.84
CA ALA B 69 -33.28 -1.80 -10.58
C ALA B 69 -32.10 -0.99 -10.03
N SER B 70 -31.64 -0.05 -10.86
CA SER B 70 -30.64 0.95 -10.48
C SER B 70 -31.15 2.29 -11.01
N ASP B 71 -31.01 3.32 -10.21
CA ASP B 71 -31.47 4.65 -10.63
C ASP B 71 -30.49 5.70 -10.19
N MET B 72 -30.33 6.70 -11.06
CA MET B 72 -29.74 7.99 -10.67
C MET B 72 -30.82 9.06 -10.89
N THR B 73 -31.14 9.82 -9.86
CA THR B 73 -32.19 10.85 -9.89
C THR B 73 -31.58 12.17 -9.53
N SER B 74 -32.06 13.25 -10.13
CA SER B 74 -31.51 14.57 -9.78
C SER B 74 -32.53 15.67 -10.06
N ARG B 75 -32.54 16.63 -9.17
CA ARG B 75 -33.13 17.96 -9.40
C ARG B 75 -32.16 18.99 -8.87
N HIS B 76 -31.98 20.09 -9.62
CA HIS B 76 -31.04 21.15 -9.25
C HIS B 76 -29.68 20.50 -9.00
N SER B 77 -29.02 20.75 -7.88
CA SER B 77 -27.64 20.26 -7.68
C SER B 77 -27.62 18.99 -6.85
N SER B 78 -28.76 18.41 -6.52
CA SER B 78 -28.90 17.23 -5.63
C SER B 78 -29.01 15.98 -6.52
N THR B 79 -28.19 14.95 -6.28
CA THR B 79 -28.28 13.66 -7.01
C THR B 79 -28.46 12.53 -5.99
N GLN B 80 -29.37 11.63 -6.27
CA GLN B 80 -29.51 10.40 -5.47
C GLN B 80 -29.17 9.21 -6.35
N LEU B 81 -28.52 8.24 -5.73
CA LEU B 81 -28.08 7.02 -6.42
C LEU B 81 -28.64 5.82 -5.68
N TRP B 82 -29.45 5.06 -6.37
CA TRP B 82 -30.25 3.97 -5.79
C TRP B 82 -29.88 2.64 -6.42
N LEU B 83 -29.78 1.59 -5.60
CA LEU B 83 -29.74 0.20 -6.10
C LEU B 83 -30.85 -0.56 -5.40
N ILE B 84 -31.68 -1.27 -6.15
CA ILE B 84 -32.83 -2.02 -5.57
C ILE B 84 -32.56 -3.49 -5.83
N THR B 85 -32.53 -4.31 -4.77
CA THR B 85 -32.25 -5.75 -4.87
C THR B 85 -33.31 -6.55 -4.11
N HIS B 86 -33.23 -7.87 -4.24
CA HIS B 86 -33.90 -8.81 -3.31
C HIS B 86 -33.49 -8.47 -1.87
N TYR B 87 -34.41 -8.72 -0.93
CA TYR B 87 -34.19 -8.45 0.52
C TYR B 87 -33.99 -9.79 1.22
N HIS B 88 -32.95 -9.92 2.05
CA HIS B 88 -32.68 -11.16 2.83
C HIS B 88 -32.79 -10.81 4.31
N GLU B 89 -33.95 -11.14 4.92
CA GLU B 89 -34.25 -10.68 6.29
C GLU B 89 -33.33 -11.33 7.34
N MET B 90 -32.64 -12.42 7.01
CA MET B 90 -31.63 -13.00 7.92
C MET B 90 -30.35 -12.17 7.94
N GLY B 91 -30.21 -11.19 7.02
CA GLY B 91 -29.06 -10.30 7.09
C GLY B 91 -27.78 -10.93 6.52
N SER B 92 -26.63 -10.39 6.89
CA SER B 92 -25.33 -10.85 6.33
C SER B 92 -24.87 -12.07 7.09
N LEU B 93 -23.91 -12.77 6.50
CA LEU B 93 -23.25 -13.90 7.18
C LEU B 93 -22.56 -13.40 8.44
N TYR B 94 -21.98 -12.20 8.40
CA TYR B 94 -21.36 -11.56 9.57
C TYR B 94 -22.37 -11.47 10.71
N ASP B 95 -23.56 -10.99 10.41
CA ASP B 95 -24.66 -10.91 11.42
C ASP B 95 -25.04 -12.30 11.92
N TYR B 96 -25.23 -13.24 11.02
CA TYR B 96 -25.73 -14.60 11.32
C TYR B 96 -24.76 -15.31 12.24
N LEU B 97 -23.46 -15.24 11.96
CA LEU B 97 -22.46 -16.01 12.71
C LEU B 97 -22.32 -15.52 14.15
N GLN B 98 -22.76 -14.30 14.44
N GLN B 98 -22.77 -14.33 14.52
CA GLN B 98 -22.68 -13.69 15.80
CA GLN B 98 -22.55 -13.87 15.92
C GLN B 98 -23.50 -14.56 16.75
C GLN B 98 -23.68 -14.36 16.82
N LEU B 99 -24.66 -15.04 16.27
CA LEU B 99 -25.80 -15.44 17.13
C LEU B 99 -26.15 -16.91 16.94
N THR B 100 -25.41 -17.65 16.12
CA THR B 100 -25.75 -19.05 15.78
CA THR B 100 -25.73 -19.09 15.97
C THR B 100 -24.45 -19.86 15.70
N THR B 101 -24.48 -21.09 16.16
CA THR B 101 -23.47 -22.11 15.81
C THR B 101 -24.02 -22.97 14.69
N LEU B 102 -23.13 -23.71 14.05
CA LEU B 102 -23.42 -24.53 12.86
C LEU B 102 -23.14 -25.99 13.14
N ASP B 103 -23.92 -26.88 12.53
CA ASP B 103 -23.52 -28.29 12.44
C ASP B 103 -22.77 -28.47 11.12
N THR B 104 -22.29 -29.67 10.88
CA THR B 104 -21.46 -30.00 9.71
C THR B 104 -22.23 -29.65 8.44
N VAL B 105 -23.47 -30.13 8.35
CA VAL B 105 -24.31 -29.96 7.14
C VAL B 105 -24.49 -28.47 6.85
N SER B 106 -24.80 -27.66 7.86
N SER B 106 -24.78 -27.66 7.87
CA SER B 106 -25.06 -26.22 7.67
CA SER B 106 -25.09 -26.21 7.71
C SER B 106 -23.74 -25.53 7.31
C SER B 106 -23.79 -25.41 7.46
N CYS B 107 -22.66 -25.87 7.98
CA CYS B 107 -21.34 -25.25 7.70
C CYS B 107 -20.98 -25.49 6.23
N LEU B 108 -21.07 -26.74 5.76
CA LEU B 108 -20.69 -27.05 4.37
C LEU B 108 -21.66 -26.40 3.38
N ARG B 109 -22.95 -26.37 3.70
N ARG B 109 -22.95 -26.36 3.68
CA ARG B 109 -23.94 -25.75 2.79
CA ARG B 109 -23.95 -25.75 2.78
C ARG B 109 -23.59 -24.27 2.60
C ARG B 109 -23.60 -24.27 2.60
N ILE B 110 -23.25 -23.59 3.69
CA ILE B 110 -22.92 -22.14 3.62
C ILE B 110 -21.66 -21.98 2.73
N VAL B 111 -20.62 -22.71 3.04
CA VAL B 111 -19.33 -22.41 2.36
C VAL B 111 -19.38 -22.91 0.92
N LEU B 112 -20.08 -24.02 0.62
CA LEU B 112 -20.19 -24.45 -0.77
C LEU B 112 -21.00 -23.40 -1.53
N SER B 113 -22.02 -22.82 -0.92
CA SER B 113 -22.85 -21.83 -1.65
C SER B 113 -21.99 -20.62 -2.04
N ILE B 114 -21.12 -20.17 -1.14
CA ILE B 114 -20.25 -19.00 -1.38
C ILE B 114 -19.25 -19.37 -2.48
N ALA B 115 -18.73 -20.58 -2.44
CA ALA B 115 -17.80 -21.05 -3.47
C ALA B 115 -18.51 -21.11 -4.81
N SER B 116 -19.78 -21.54 -4.84
N SER B 116 -19.77 -21.52 -4.83
CA SER B 116 -20.54 -21.63 -6.11
CA SER B 116 -20.56 -21.64 -6.07
C SER B 116 -20.74 -20.23 -6.68
C SER B 116 -20.79 -20.25 -6.67
N GLY B 117 -21.12 -19.27 -5.84
CA GLY B 117 -21.25 -17.87 -6.29
C GLY B 117 -19.91 -17.34 -6.82
N LEU B 118 -18.84 -17.64 -6.14
CA LEU B 118 -17.54 -17.04 -6.51
C LEU B 118 -17.06 -17.68 -7.81
N ALA B 119 -17.24 -18.97 -7.97
CA ALA B 119 -16.88 -19.68 -9.21
C ALA B 119 -17.71 -19.11 -10.35
N HIS B 120 -19.00 -18.86 -10.11
CA HIS B 120 -19.88 -18.28 -11.14
C HIS B 120 -19.36 -16.90 -11.55
N LEU B 121 -18.94 -16.11 -10.59
CA LEU B 121 -18.32 -14.79 -10.93
C LEU B 121 -17.06 -15.03 -11.75
N HIS B 122 -16.15 -15.87 -11.28
CA HIS B 122 -14.79 -15.95 -11.86
C HIS B 122 -14.82 -16.54 -13.26
N ILE B 123 -15.78 -17.41 -13.56
CA ILE B 123 -15.73 -18.18 -14.83
C ILE B 123 -16.49 -17.43 -15.90
N GLU B 124 -15.83 -17.20 -17.05
CA GLU B 124 -16.45 -16.55 -18.22
C GLU B 124 -17.50 -17.50 -18.82
N ILE B 125 -18.65 -16.98 -19.23
CA ILE B 125 -19.68 -17.67 -20.06
C ILE B 125 -19.66 -17.05 -21.48
N PHE B 126 -19.55 -17.88 -22.50
CA PHE B 126 -19.45 -17.47 -23.93
C PHE B 126 -20.85 -17.54 -24.58
N GLY B 130 -24.05 -13.85 -22.75
CA GLY B 130 -22.89 -14.37 -21.98
C GLY B 130 -22.54 -13.51 -20.77
N LYS B 131 -21.41 -13.80 -20.14
CA LYS B 131 -20.94 -13.05 -18.95
C LYS B 131 -19.42 -13.07 -18.97
N PRO B 132 -18.78 -11.91 -18.82
CA PRO B 132 -17.33 -11.90 -18.71
C PRO B 132 -16.91 -12.62 -17.41
N ALA B 133 -15.66 -12.99 -17.32
CA ALA B 133 -15.04 -13.34 -16.02
C ALA B 133 -15.10 -12.10 -15.12
N ILE B 134 -15.40 -12.29 -13.84
CA ILE B 134 -15.57 -11.16 -12.88
C ILE B 134 -14.79 -11.50 -11.60
N ALA B 135 -13.95 -10.58 -11.14
CA ALA B 135 -13.33 -10.62 -9.81
C ALA B 135 -14.00 -9.56 -8.95
N HIS B 136 -14.34 -9.94 -7.73
CA HIS B 136 -15.20 -9.15 -6.83
C HIS B 136 -14.41 -7.98 -6.19
N ARG B 137 -13.29 -8.31 -5.55
CA ARG B 137 -12.31 -7.39 -4.94
C ARG B 137 -12.75 -6.90 -3.56
N ASP B 138 -13.92 -7.23 -3.05
CA ASP B 138 -14.24 -6.84 -1.64
C ASP B 138 -15.04 -7.95 -0.97
N LEU B 139 -14.60 -9.19 -1.12
CA LEU B 139 -15.33 -10.35 -0.53
C LEU B 139 -15.09 -10.31 0.98
N LYS B 140 -16.15 -10.43 1.75
CA LYS B 140 -16.08 -10.45 3.23
C LYS B 140 -17.43 -10.89 3.76
N SER B 141 -17.50 -11.21 5.06
CA SER B 141 -18.75 -11.81 5.57
C SER B 141 -19.88 -10.78 5.60
N LYS B 142 -19.59 -9.48 5.64
CA LYS B 142 -20.67 -8.44 5.56
C LYS B 142 -21.24 -8.32 4.14
N ASN B 143 -20.52 -8.81 3.16
CA ASN B 143 -20.92 -8.75 1.73
C ASN B 143 -21.49 -10.07 1.26
N ILE B 144 -21.83 -10.93 2.20
CA ILE B 144 -22.54 -12.20 1.90
C ILE B 144 -23.85 -12.18 2.68
N LEU B 145 -24.94 -12.47 1.99
CA LEU B 145 -26.26 -12.53 2.62
C LEU B 145 -26.71 -13.98 2.81
N VAL B 146 -27.42 -14.22 3.93
CA VAL B 146 -27.95 -15.56 4.27
C VAL B 146 -29.41 -15.66 3.86
N LYS B 147 -29.72 -16.73 3.14
CA LYS B 147 -31.05 -17.00 2.58
C LYS B 147 -31.72 -18.09 3.43
N LYS B 148 -33.03 -18.08 3.39
CA LYS B 148 -33.86 -19.00 4.22
C LYS B 148 -33.64 -20.46 3.83
N ASN B 149 -33.16 -20.77 2.63
CA ASN B 149 -32.77 -22.15 2.22
C ASN B 149 -31.39 -22.59 2.76
N GLY B 150 -30.69 -21.75 3.53
CA GLY B 150 -29.43 -22.11 4.19
C GLY B 150 -28.22 -21.87 3.31
N GLN B 151 -28.48 -21.48 2.09
CA GLN B 151 -27.41 -20.96 1.21
C GLN B 151 -27.25 -19.45 1.34
N CYS B 152 -26.17 -18.96 0.78
CA CYS B 152 -25.80 -17.54 0.87
C CYS B 152 -25.73 -16.98 -0.53
N CYS B 153 -25.68 -15.66 -0.62
CA CYS B 153 -25.45 -15.01 -1.92
C CYS B 153 -24.47 -13.87 -1.71
N ILE B 154 -23.64 -13.66 -2.73
CA ILE B 154 -22.59 -12.60 -2.71
C ILE B 154 -23.17 -11.28 -3.20
N ALA B 155 -22.82 -10.23 -2.50
CA ALA B 155 -23.34 -8.85 -2.74
C ALA B 155 -22.17 -7.89 -2.91
N ASP B 156 -22.50 -6.73 -3.50
CA ASP B 156 -21.62 -5.53 -3.63
C ASP B 156 -20.61 -5.77 -4.73
N LEU B 157 -21.01 -5.41 -5.95
CA LEU B 157 -20.13 -5.56 -7.12
C LEU B 157 -19.55 -4.20 -7.51
N GLY B 158 -19.47 -3.25 -6.57
CA GLY B 158 -18.99 -1.88 -6.91
C GLY B 158 -17.50 -1.77 -7.16
N LEU B 159 -16.71 -2.78 -6.83
CA LEU B 159 -15.26 -2.75 -7.05
C LEU B 159 -14.88 -3.80 -8.11
N ALA B 160 -15.85 -4.45 -8.73
CA ALA B 160 -15.56 -5.61 -9.61
C ALA B 160 -14.70 -5.25 -10.83
N VAL B 161 -13.91 -6.22 -11.24
CA VAL B 161 -13.07 -6.16 -12.47
C VAL B 161 -13.64 -7.20 -13.43
N MET B 162 -13.71 -6.84 -14.72
CA MET B 162 -14.25 -7.79 -15.73
C MET B 162 -13.15 -8.13 -16.75
N HIS B 163 -13.20 -9.35 -17.26
CA HIS B 163 -12.21 -9.81 -18.26
C HIS B 163 -12.90 -10.71 -19.28
N SER B 164 -12.54 -10.51 -20.54
CA SER B 164 -13.03 -11.45 -21.59
C SER B 164 -11.81 -12.07 -22.28
N GLN B 165 -11.60 -13.38 -22.15
CA GLN B 165 -10.41 -13.98 -22.82
C GLN B 165 -10.74 -14.04 -24.31
N SER B 166 -12.01 -14.14 -24.64
CA SER B 166 -12.51 -14.33 -26.01
C SER B 166 -12.18 -13.07 -26.83
N THR B 167 -12.16 -11.89 -26.21
CA THR B 167 -11.87 -10.62 -26.94
C THR B 167 -10.61 -9.95 -26.44
N ASN B 168 -9.94 -10.55 -25.44
CA ASN B 168 -8.70 -10.03 -24.83
C ASN B 168 -8.93 -8.63 -24.27
N GLN B 169 -9.99 -8.47 -23.49
CA GLN B 169 -10.35 -7.14 -22.90
C GLN B 169 -10.33 -7.26 -21.36
N LEU B 170 -9.66 -6.33 -20.70
CA LEU B 170 -9.63 -6.20 -19.23
C LEU B 170 -10.26 -4.86 -18.88
N ASP B 171 -11.28 -4.88 -18.03
CA ASP B 171 -11.99 -3.64 -17.64
C ASP B 171 -11.88 -3.51 -16.13
N VAL B 172 -10.93 -2.71 -15.67
CA VAL B 172 -10.66 -2.55 -14.22
C VAL B 172 -11.53 -1.44 -13.66
N GLY B 173 -12.26 -0.74 -14.50
CA GLY B 173 -13.10 0.38 -14.07
C GLY B 173 -12.27 1.54 -13.59
N ASN B 174 -12.95 2.47 -12.97
CA ASN B 174 -12.41 3.79 -12.57
C ASN B 174 -12.98 4.09 -11.18
N ASN B 175 -12.51 3.40 -10.17
CA ASN B 175 -13.05 3.54 -8.80
C ASN B 175 -11.84 3.64 -7.91
N PRO B 176 -11.68 4.75 -7.16
CA PRO B 176 -10.57 4.90 -6.22
C PRO B 176 -10.81 4.12 -4.92
N ARG B 177 -12.02 3.58 -4.75
CA ARG B 177 -12.31 2.71 -3.59
C ARG B 177 -11.29 1.57 -3.55
N VAL B 178 -10.91 1.12 -2.35
CA VAL B 178 -10.11 -0.11 -2.19
C VAL B 178 -10.89 -1.08 -1.30
N GLY B 179 -10.45 -2.30 -1.30
CA GLY B 179 -11.09 -3.35 -0.51
C GLY B 179 -11.07 -3.08 0.98
N THR B 180 -11.92 -3.81 1.68
CA THR B 180 -11.95 -3.76 3.17
C THR B 180 -10.58 -4.15 3.69
N LYS B 181 -9.98 -3.33 4.57
CA LYS B 181 -8.53 -3.49 4.87
C LYS B 181 -8.28 -4.87 5.50
N ARG B 182 -9.15 -5.30 6.40
CA ARG B 182 -8.94 -6.56 7.14
C ARG B 182 -8.81 -7.78 6.22
N TYR B 183 -9.41 -7.73 5.03
CA TYR B 183 -9.47 -8.88 4.12
C TYR B 183 -8.51 -8.74 2.94
N MET B 184 -7.67 -7.71 2.93
CA MET B 184 -6.76 -7.48 1.78
C MET B 184 -5.61 -8.50 1.79
N ALA B 185 -5.35 -9.09 0.62
CA ALA B 185 -4.25 -10.03 0.38
C ALA B 185 -2.91 -9.34 0.59
N PRO B 186 -1.85 -10.11 0.81
CA PRO B 186 -0.51 -9.53 0.97
C PRO B 186 -0.14 -8.61 -0.19
N GLU B 187 -0.40 -9.03 -1.43
CA GLU B 187 0.02 -8.28 -2.65
C GLU B 187 -0.81 -7.02 -2.77
N VAL B 188 -1.97 -6.93 -2.10
CA VAL B 188 -2.76 -5.69 -2.08
C VAL B 188 -2.14 -4.74 -1.02
N LEU B 189 -1.85 -5.29 0.13
CA LEU B 189 -1.31 -4.52 1.27
C LEU B 189 0.10 -4.03 0.94
N ASP B 190 0.87 -4.75 0.17
CA ASP B 190 2.26 -4.27 -0.13
C ASP B 190 2.23 -3.57 -1.50
N GLU B 191 1.07 -3.54 -2.16
CA GLU B 191 0.86 -2.81 -3.42
C GLU B 191 1.80 -3.31 -4.52
N THR B 192 2.23 -4.57 -4.51
CA THR B 192 2.99 -5.17 -5.63
C THR B 192 2.07 -5.93 -6.60
N ILE B 193 0.77 -6.04 -6.27
CA ILE B 193 -0.22 -6.71 -7.17
C ILE B 193 -0.07 -6.18 -8.60
N GLN B 194 -0.11 -7.11 -9.56
CA GLN B 194 0.06 -6.79 -11.00
C GLN B 194 -1.29 -6.31 -11.53
N VAL B 195 -1.47 -5.00 -11.69
CA VAL B 195 -2.82 -4.40 -11.89
C VAL B 195 -3.38 -4.66 -13.29
N ASP B 196 -2.55 -5.10 -14.23
CA ASP B 196 -2.99 -5.32 -15.63
C ASP B 196 -3.20 -6.82 -15.86
N CYS B 197 -3.24 -7.62 -14.79
CA CYS B 197 -3.34 -9.10 -14.86
CA CYS B 197 -3.37 -9.11 -14.90
C CYS B 197 -4.67 -9.55 -14.23
N PHE B 198 -5.62 -10.05 -15.01
CA PHE B 198 -6.93 -10.43 -14.45
C PHE B 198 -6.77 -11.48 -13.37
N ASP B 199 -5.89 -12.46 -13.56
CA ASP B 199 -5.73 -13.57 -12.61
C ASP B 199 -5.33 -12.99 -11.24
N SER B 200 -4.59 -11.87 -11.20
CA SER B 200 -4.22 -11.24 -9.92
C SER B 200 -5.47 -10.96 -9.10
N TYR B 201 -6.53 -10.45 -9.70
CA TYR B 201 -7.75 -10.05 -8.95
C TYR B 201 -8.49 -11.30 -8.49
N LYS B 202 -8.52 -12.37 -9.29
CA LYS B 202 -9.15 -13.63 -8.84
C LYS B 202 -8.42 -14.11 -7.58
N ARG B 203 -7.09 -14.01 -7.54
CA ARG B 203 -6.29 -14.55 -6.42
C ARG B 203 -6.53 -13.72 -5.16
N VAL B 204 -6.85 -12.45 -5.32
CA VAL B 204 -7.21 -11.61 -4.17
C VAL B 204 -8.54 -12.10 -3.58
N ASP B 205 -9.49 -12.45 -4.43
CA ASP B 205 -10.78 -13.01 -3.99
C ASP B 205 -10.54 -14.32 -3.21
N ILE B 206 -9.62 -15.14 -3.68
CA ILE B 206 -9.37 -16.45 -3.04
C ILE B 206 -8.83 -16.25 -1.64
N TRP B 207 -7.89 -15.33 -1.47
CA TRP B 207 -7.38 -14.98 -0.14
C TRP B 207 -8.56 -14.64 0.77
N ALA B 208 -9.39 -13.71 0.34
CA ALA B 208 -10.52 -13.24 1.17
C ALA B 208 -11.49 -14.39 1.43
N PHE B 209 -11.74 -15.23 0.44
CA PHE B 209 -12.63 -16.39 0.65
CA PHE B 209 -12.61 -16.42 0.62
C PHE B 209 -12.05 -17.30 1.74
N GLY B 210 -10.73 -17.52 1.75
CA GLY B 210 -10.11 -18.30 2.86
C GLY B 210 -10.41 -17.70 4.20
N LEU B 211 -10.31 -16.37 4.34
CA LEU B 211 -10.67 -15.71 5.60
C LEU B 211 -12.15 -15.97 5.96
N VAL B 212 -13.08 -15.87 5.01
CA VAL B 212 -14.50 -16.12 5.26
C VAL B 212 -14.68 -17.59 5.66
N LEU B 213 -13.99 -18.53 5.00
N LEU B 213 -13.97 -18.51 5.01
CA LEU B 213 -14.04 -19.98 5.43
CA LEU B 213 -14.05 -19.94 5.38
C LEU B 213 -13.68 -20.07 6.90
C LEU B 213 -13.63 -20.13 6.85
N TRP B 214 -12.58 -19.41 7.31
CA TRP B 214 -12.12 -19.46 8.71
C TRP B 214 -13.21 -18.91 9.64
N GLU B 215 -13.82 -17.79 9.27
CA GLU B 215 -14.85 -17.18 10.12
C GLU B 215 -15.99 -18.16 10.36
N VAL B 216 -16.40 -18.84 9.30
CA VAL B 216 -17.54 -19.79 9.34
C VAL B 216 -17.13 -21.01 10.16
N ALA B 217 -16.00 -21.61 9.82
CA ALA B 217 -15.59 -22.88 10.46
C ALA B 217 -15.48 -22.72 11.96
N ARG B 218 -15.03 -21.58 12.45
CA ARG B 218 -14.94 -21.32 13.91
C ARG B 218 -16.28 -21.55 14.58
N ARG B 219 -17.38 -21.35 13.86
CA ARG B 219 -18.75 -21.46 14.41
C ARG B 219 -19.35 -22.84 14.23
N MET B 220 -18.62 -23.77 13.66
CA MET B 220 -19.13 -25.15 13.49
C MET B 220 -18.75 -25.95 14.74
N VAL B 221 -19.73 -26.53 15.42
CA VAL B 221 -19.47 -27.31 16.65
C VAL B 221 -18.79 -28.65 16.29
N SER B 222 -17.78 -29.04 17.06
CA SER B 222 -17.24 -30.41 17.05
C SER B 222 -16.94 -30.82 18.48
N ASN B 223 -17.37 -32.03 18.83
CA ASN B 223 -17.01 -32.60 20.14
C ASN B 223 -17.43 -31.63 21.27
N GLY B 224 -18.58 -30.96 21.11
CA GLY B 224 -19.14 -30.01 22.08
C GLY B 224 -18.33 -28.72 22.23
N ILE B 225 -17.45 -28.40 21.27
CA ILE B 225 -16.57 -27.20 21.38
C ILE B 225 -16.90 -26.34 20.17
N VAL B 226 -16.92 -25.05 20.37
CA VAL B 226 -17.03 -24.07 19.24
C VAL B 226 -16.20 -22.84 19.65
N GLU B 227 -15.71 -22.06 18.69
CA GLU B 227 -15.09 -20.74 19.01
C GLU B 227 -16.17 -19.64 18.94
N ASP B 228 -15.96 -18.55 19.68
CA ASP B 228 -16.78 -17.33 19.54
C ASP B 228 -16.52 -16.77 18.13
N TYR B 229 -17.50 -16.05 17.63
CA TYR B 229 -17.31 -15.28 16.39
C TYR B 229 -16.18 -14.27 16.62
N LYS B 230 -15.23 -14.26 15.70
CA LYS B 230 -14.22 -13.17 15.63
C LYS B 230 -13.96 -12.86 14.16
N PRO B 231 -13.63 -11.59 13.85
CA PRO B 231 -13.22 -11.23 12.51
C PRO B 231 -11.77 -11.65 12.30
N PRO B 232 -11.35 -11.81 11.02
CA PRO B 232 -9.97 -12.16 10.72
C PRO B 232 -8.99 -11.15 11.35
N PHE B 233 -7.98 -11.69 11.98
CA PHE B 233 -6.84 -10.94 12.59
C PHE B 233 -7.30 -10.15 13.82
N TYR B 234 -8.43 -10.52 14.43
CA TYR B 234 -8.99 -9.84 15.62
C TYR B 234 -7.90 -9.70 16.69
N ASP B 235 -7.00 -10.69 16.81
CA ASP B 235 -6.10 -10.82 17.99
C ASP B 235 -4.82 -10.01 17.79
N VAL B 236 -4.54 -9.53 16.56
CA VAL B 236 -3.17 -9.03 16.21
C VAL B 236 -3.19 -7.59 15.73
N VAL B 237 -4.35 -7.00 15.49
CA VAL B 237 -4.43 -5.58 15.04
C VAL B 237 -5.31 -4.80 15.97
N PRO B 238 -5.12 -3.45 15.97
CA PRO B 238 -6.03 -2.56 16.66
C PRO B 238 -7.47 -2.67 16.18
N ASN B 239 -8.42 -2.27 17.02
CA ASN B 239 -9.81 -2.01 16.54
C ASN B 239 -9.74 -1.03 15.36
N ASP B 240 -10.58 -1.25 14.37
CA ASP B 240 -10.69 -0.34 13.22
C ASP B 240 -9.31 -0.23 12.57
N PRO B 241 -8.70 -1.36 12.19
CA PRO B 241 -7.33 -1.38 11.69
C PRO B 241 -7.14 -0.54 10.43
N SER B 242 -6.04 0.16 10.40
CA SER B 242 -5.58 0.91 9.21
C SER B 242 -4.96 -0.06 8.18
N PHE B 243 -4.80 0.45 6.96
CA PHE B 243 -4.02 -0.18 5.89
C PHE B 243 -2.66 -0.62 6.43
N GLU B 244 -1.94 0.27 7.11
N GLU B 244 -1.95 0.30 7.09
CA GLU B 244 -0.58 -0.06 7.56
CA GLU B 244 -0.59 0.03 7.61
C GLU B 244 -0.65 -1.09 8.70
C GLU B 244 -0.64 -1.06 8.70
N ASP B 245 -1.69 -1.05 9.53
CA ASP B 245 -1.86 -2.06 10.62
C ASP B 245 -1.93 -3.45 9.98
N MET B 246 -2.73 -3.55 8.92
CA MET B 246 -2.92 -4.85 8.22
C MET B 246 -1.64 -5.24 7.49
N ARG B 247 -0.99 -4.29 6.82
CA ARG B 247 0.29 -4.59 6.13
C ARG B 247 1.30 -5.12 7.14
N LYS B 248 1.33 -4.59 8.36
CA LYS B 248 2.27 -5.09 9.38
C LYS B 248 2.05 -6.60 9.62
N VAL B 249 0.82 -6.96 9.94
CA VAL B 249 0.57 -8.34 10.39
C VAL B 249 0.65 -9.31 9.20
N VAL B 250 0.13 -8.93 8.05
CA VAL B 250 0.07 -9.87 6.89
C VAL B 250 1.41 -9.91 6.17
N CYS B 251 2.02 -8.76 5.92
CA CYS B 251 3.21 -8.68 5.06
C CYS B 251 4.51 -8.75 5.89
N VAL B 252 4.61 -7.97 6.96
CA VAL B 252 5.86 -7.91 7.74
C VAL B 252 5.91 -9.17 8.62
N ASP B 253 4.85 -9.45 9.38
CA ASP B 253 4.81 -10.51 10.42
C ASP B 253 4.43 -11.85 9.78
N GLN B 254 4.02 -11.87 8.52
CA GLN B 254 3.59 -13.09 7.77
C GLN B 254 2.52 -13.88 8.52
N GLN B 255 1.61 -13.19 9.19
CA GLN B 255 0.56 -13.84 10.02
C GLN B 255 -0.54 -14.41 9.12
N ARG B 256 -1.09 -15.51 9.56
CA ARG B 256 -2.33 -16.09 8.98
C ARG B 256 -3.23 -16.41 10.15
N PRO B 257 -4.57 -16.46 9.97
CA PRO B 257 -5.43 -16.87 11.07
C PRO B 257 -4.99 -18.22 11.68
N ASN B 258 -5.03 -18.27 13.01
CA ASN B 258 -4.66 -19.51 13.72
C ASN B 258 -5.78 -20.54 13.52
N ILE B 259 -5.35 -21.78 13.41
CA ILE B 259 -6.28 -22.94 13.35
C ILE B 259 -6.42 -23.47 14.77
N PRO B 260 -7.61 -23.40 15.37
CA PRO B 260 -7.83 -24.00 16.69
C PRO B 260 -7.45 -25.49 16.66
N ASN B 261 -6.70 -25.96 17.65
CA ASN B 261 -6.27 -27.38 17.67
C ASN B 261 -7.49 -28.32 17.74
N ARG B 262 -8.62 -27.88 18.29
CA ARG B 262 -9.79 -28.81 18.37
C ARG B 262 -10.24 -29.21 16.98
N TRP B 263 -9.99 -28.39 15.95
CA TRP B 263 -10.38 -28.77 14.57
C TRP B 263 -9.77 -30.11 14.14
N PHE B 264 -8.57 -30.43 14.60
CA PHE B 264 -7.82 -31.60 14.05
C PHE B 264 -8.47 -32.90 14.54
N SER B 265 -9.41 -32.86 15.49
CA SER B 265 -10.17 -34.06 15.92
C SER B 265 -11.34 -34.36 15.00
N ASP B 266 -11.77 -33.39 14.19
CA ASP B 266 -12.96 -33.47 13.30
C ASP B 266 -12.54 -33.54 11.83
N PRO B 267 -12.93 -34.57 11.07
CA PRO B 267 -12.50 -34.71 9.69
C PRO B 267 -12.90 -33.51 8.81
N THR B 268 -14.09 -32.97 9.04
CA THR B 268 -14.63 -31.87 8.23
C THR B 268 -13.76 -30.63 8.46
N LEU B 269 -13.55 -30.26 9.71
CA LEU B 269 -12.73 -29.09 10.05
C LEU B 269 -11.26 -29.30 9.69
N THR B 270 -10.76 -30.51 9.77
CA THR B 270 -9.39 -30.81 9.29
C THR B 270 -9.32 -30.50 7.80
N SER B 271 -10.27 -30.98 7.00
CA SER B 271 -10.31 -30.72 5.54
C SER B 271 -10.50 -29.23 5.28
N LEU B 272 -11.30 -28.54 6.08
CA LEU B 272 -11.50 -27.09 5.83
C LEU B 272 -10.21 -26.32 6.16
N ALA B 273 -9.51 -26.69 7.21
CA ALA B 273 -8.23 -26.03 7.58
C ALA B 273 -7.25 -26.19 6.42
N LYS B 274 -7.18 -27.39 5.82
CA LYS B 274 -6.29 -27.61 4.66
C LYS B 274 -6.72 -26.69 3.51
N LEU B 275 -8.02 -26.54 3.27
CA LEU B 275 -8.52 -25.72 2.15
C LEU B 275 -8.20 -24.25 2.42
N MET B 276 -8.39 -23.75 3.65
CA MET B 276 -8.03 -22.34 4.00
C MET B 276 -6.57 -22.09 3.72
N LYS B 277 -5.72 -23.01 4.15
CA LYS B 277 -4.26 -22.78 4.06
C LYS B 277 -3.92 -22.68 2.58
N GLU B 278 -4.64 -23.34 1.67
CA GLU B 278 -4.31 -23.30 0.22
C GLU B 278 -4.93 -22.05 -0.41
N CYS B 279 -5.69 -21.26 0.35
CA CYS B 279 -6.12 -19.89 -0.07
C CYS B 279 -5.13 -18.81 0.38
N TRP B 280 -4.19 -19.13 1.26
CA TRP B 280 -3.38 -18.14 2.01
C TRP B 280 -1.92 -18.16 1.62
N TYR B 281 -1.54 -18.87 0.57
CA TYR B 281 -0.11 -18.84 0.15
C TYR B 281 0.29 -17.39 -0.13
N GLN B 282 1.50 -16.98 0.27
N GLN B 282 1.50 -17.02 0.30
CA GLN B 282 2.01 -15.63 -0.11
CA GLN B 282 2.11 -15.71 -0.05
C GLN B 282 2.14 -15.58 -1.63
C GLN B 282 2.18 -15.60 -1.57
N ASN B 283 2.58 -16.66 -2.27
CA ASN B 283 2.62 -16.70 -3.75
C ASN B 283 1.20 -16.77 -4.30
N PRO B 284 0.64 -15.69 -4.91
CA PRO B 284 -0.75 -15.74 -5.33
C PRO B 284 -1.02 -16.87 -6.32
N SER B 285 -0.07 -17.21 -7.21
CA SER B 285 -0.29 -18.27 -8.23
C SER B 285 -0.35 -19.69 -7.61
N ALA B 286 0.04 -19.85 -6.34
CA ALA B 286 -0.05 -21.13 -5.60
C ALA B 286 -1.47 -21.37 -5.09
N ARG B 287 -2.27 -20.33 -4.99
CA ARG B 287 -3.59 -20.43 -4.34
C ARG B 287 -4.52 -21.27 -5.22
N LEU B 288 -5.46 -21.95 -4.58
CA LEU B 288 -6.50 -22.71 -5.31
C LEU B 288 -7.37 -21.77 -6.15
N THR B 289 -8.00 -22.30 -7.18
CA THR B 289 -9.03 -21.58 -7.95
C THR B 289 -10.39 -21.75 -7.29
N ALA B 290 -11.31 -20.84 -7.58
CA ALA B 290 -12.66 -20.93 -7.04
C ALA B 290 -13.31 -22.25 -7.51
N LEU B 291 -13.04 -22.65 -8.73
CA LEU B 291 -13.65 -23.93 -9.22
C LEU B 291 -13.12 -25.11 -8.39
N ARG B 292 -11.82 -25.16 -8.10
CA ARG B 292 -11.22 -26.26 -7.34
C ARG B 292 -11.81 -26.23 -5.93
N ILE B 293 -12.01 -25.05 -5.36
CA ILE B 293 -12.60 -24.97 -4.00
C ILE B 293 -14.00 -25.56 -4.07
N LYS B 294 -14.79 -25.14 -5.07
CA LYS B 294 -16.18 -25.65 -5.19
C LYS B 294 -16.14 -27.18 -5.28
N LYS B 295 -15.26 -27.73 -6.11
CA LYS B 295 -15.19 -29.20 -6.30
C LYS B 295 -14.81 -29.88 -5.00
N THR B 296 -13.85 -29.33 -4.28
CA THR B 296 -13.38 -29.92 -2.99
C THR B 296 -14.52 -29.91 -1.97
N LEU B 297 -15.32 -28.84 -1.95
CA LEU B 297 -16.44 -28.72 -0.99
C LEU B 297 -17.61 -29.60 -1.40
N THR B 298 -17.70 -29.99 -2.66
CA THR B 298 -18.77 -30.86 -3.17
C THR B 298 -18.45 -32.29 -2.71
N LYS B 299 -17.16 -32.61 -2.53
CA LYS B 299 -16.60 -33.86 -1.95
C LYS B 299 -16.54 -33.84 -0.41
N ILE B 300 -16.06 -32.76 0.27
CA ILE B 300 -15.87 -32.66 1.77
C ILE B 300 -17.28 -33.04 2.29
N ASP B 301 -17.39 -33.91 3.31
CA ASP B 301 -18.68 -34.18 4.03
C ASP B 301 -18.42 -34.19 5.54
C10 LU8 C . 19.71 18.10 11.72
C13 LU8 C . 23.44 17.33 11.89
C15 LU8 C . 25.11 17.25 13.75
C17 LU8 C . 26.60 18.39 15.47
C20 LU8 C . 26.38 15.89 15.51
C21 LU8 C . 25.03 16.29 14.94
C22 LU8 C . 22.71 17.88 14.09
C24 LU8 C . 19.35 18.69 10.48
C26 LU8 C . 17.96 18.83 7.61
C01 LU8 C . 14.94 22.64 8.62
C03 LU8 C . 16.24 20.90 7.51
C04 LU8 C . 16.63 20.35 8.75
C05 LU8 C . 17.52 19.32 8.81
C06 LU8 C . 17.99 18.73 10.11
C07 LU8 C . 17.02 18.29 11.00
C09 LU8 C . 18.68 17.63 12.53
C11 LU8 C . 21.12 17.92 12.23
C12 LU8 C . 22.15 17.50 11.38
C14 LU8 C . 23.72 17.52 13.22
C16 LU8 C . 25.85 18.53 14.12
C19 LU8 C . 28.47 16.94 14.84
C23 LU8 C . 21.38 18.09 13.59
C25 LU8 C . 20.44 19.29 9.59
C27 LU8 C . 17.60 19.35 6.39
C29 LU8 C . 19.02 17.83 5.13
C30 LU8 C . 16.74 20.41 6.35
C32 LU8 C . 15.11 20.48 4.65
N08 LU8 C . 17.39 17.70 12.17
N18 LU8 C . 27.25 17.07 15.67
O02 LU8 C . 15.34 21.96 7.42
O28 LU8 C . 18.03 18.88 5.17
O31 LU8 C . 16.34 20.89 5.13
C1 EDO D . 8.61 12.74 11.00
O1 EDO D . 8.05 12.87 12.33
C2 EDO D . 10.05 12.84 11.04
O2 EDO D . 10.48 14.16 11.39
C1 EDO E . 33.75 1.29 -9.43
O1 EDO E . 35.12 1.28 -9.03
C2 EDO E . 33.05 2.59 -9.26
O2 EDO E . 33.10 3.21 -7.95
C1 EDO F . 31.84 10.17 -25.37
O1 EDO F . 30.47 10.29 -25.07
C2 EDO F . 32.69 10.06 -24.16
O2 EDO F . 33.28 11.25 -23.71
C1 EDO G . 35.82 11.74 -3.86
O1 EDO G . 35.16 11.03 -4.90
C2 EDO G . 36.81 11.05 -3.05
O2 EDO G . 37.89 10.46 -3.74
S DMS H . 4.66 16.37 17.29
O DMS H . 4.01 17.64 16.80
C1 DMS H . 3.75 15.80 18.68
C2 DMS H . 4.25 15.09 16.12
O1 TLA I . 16.54 43.88 10.57
O11 TLA I . 15.27 44.65 8.94
C1 TLA I . 16.29 44.08 9.37
C2 TLA I . 17.31 43.58 8.33
O2 TLA I . 18.49 43.10 8.96
C3 TLA I . 17.64 44.70 7.32
O3 TLA I . 18.58 45.59 7.87
C4 TLA I . 18.14 44.11 5.99
O4 TLA I . 18.69 43.00 6.02
O41 TLA I . 17.97 44.80 4.96
C10 LU8 J . -0.57 28.97 16.49
C13 LU8 J . -3.55 27.19 15.02
C15 LU8 J . -5.95 27.66 14.79
C17 LU8 J . -8.27 28.19 15.81
C20 LU8 J . -7.92 28.08 13.36
C21 LU8 J . -6.56 28.64 13.79
C22 LU8 J . -4.26 29.26 15.93
C24 LU8 J . 0.47 29.08 15.58
C26 LU8 J . 2.63 30.88 14.29
C01 LU8 J . 6.51 27.83 15.07
C03 LU8 J . 5.16 29.76 14.44
C04 LU8 J . 4.17 29.28 15.30
C05 LU8 J . 2.90 29.81 15.19
C06 LU8 J . 1.71 29.49 16.05
C07 LU8 J . 1.87 29.88 17.37
C09 LU8 J . -0.33 29.32 17.81
C11 LU8 J . -1.93 28.58 16.10
C12 LU8 J . -2.25 27.44 15.41
C14 LU8 J . -4.59 28.07 15.28
C16 LU8 J . -6.93 27.44 15.96
C19 LU8 J . -9.87 26.96 14.35
C23 LU8 J . -2.95 29.52 16.32
C25 LU8 J . 0.24 28.70 14.15
C27 LU8 J . 3.62 31.37 13.44
C29 LU8 J . 2.16 32.91 12.16
C30 LU8 J . 4.88 30.80 13.53
C32 LU8 J . 6.55 30.38 11.82
N08 LU8 J . 0.87 29.74 18.24
N18 LU8 J . -8.90 28.08 14.46
O02 LU8 J . 6.42 29.18 14.53
O28 LU8 J . 3.45 32.39 12.53
O31 LU8 J . 5.89 31.28 12.73
C10 LU8 K . -2.91 24.76 17.63
C13 LU8 K . -6.52 23.65 17.32
C15 LU8 K . -7.79 22.76 15.24
C17 LU8 K . -9.86 21.43 15.88
C20 LU8 K . -9.95 23.03 14.01
C21 LU8 K . -8.89 23.75 14.83
C22 LU8 K . -5.47 23.46 15.16
C24 LU8 K . -1.65 24.15 17.39
C26 LU8 K . 1.46 24.31 16.38
C01 LU8 K . 2.81 21.38 20.26
C03 LU8 K . 2.69 22.66 18.18
C04 LU8 K . 1.49 23.25 18.55
C05 LU8 K . 0.84 24.06 17.64
C06 LU8 K . -0.49 24.68 17.91
C07 LU8 K . -0.55 25.82 18.69
C09 LU8 K . -2.86 25.88 18.42
C11 LU8 K . -4.20 24.24 17.12
C12 LU8 K . -5.37 24.14 17.91
C14 LU8 K . -6.61 23.34 15.94
C16 LU8 K . -8.35 21.62 16.08
C19 LU8 K . -11.54 21.14 14.23
C23 LU8 K . -4.29 23.94 15.74
C25 LU8 K . -1.57 22.86 16.63
C27 LU8 K . 2.68 23.75 16.06
C29 LU8 K . 2.78 24.82 13.87
C30 LU8 K . 3.28 22.89 16.93
C32 LU8 K . 5.74 22.89 16.90
N08 LU8 K . -1.74 26.38 18.95
N18 LU8 K . -10.16 21.63 14.45
O02 LU8 K . 3.39 21.84 19.04
O28 LU8 K . 3.32 23.93 14.87
O31 LU8 K . 4.47 22.27 16.61
BR4 BYZ L . 6.12 15.01 -16.85
BR4 BYZ L . 7.57 16.04 -14.73
C4 BYZ L . 5.16 15.61 -15.27
C4 BYZ L . 5.64 16.07 -14.66
C5 BYZ L . 3.82 15.40 -14.98
C5 BYZ L . 4.78 15.85 -15.69
N1 BYZ L . 3.57 15.96 -13.82
N1 BYZ L . 3.56 15.98 -15.22
N2 BYZ L . 4.71 16.54 -13.34
N2 BYZ L . 3.64 16.29 -13.90
C3 BYZ L . 5.68 16.34 -14.20
C3 BYZ L . 4.92 16.35 -13.55
BR4 BYZ M . 26.88 -15.90 -3.77
C4 BYZ M . 25.92 -14.79 -5.02
C5 BYZ M . 24.66 -14.27 -4.91
N1 BYZ M . 24.40 -13.57 -5.99
N2 BYZ M . 25.47 -13.63 -6.82
C3 BYZ M . 26.40 -14.36 -6.25
S SO4 N . 14.01 11.77 17.28
O1 SO4 N . 12.80 12.13 16.66
O2 SO4 N . 13.92 10.40 17.75
O3 SO4 N . 15.12 11.94 16.41
O4 SO4 N . 14.24 12.62 18.45
S SO4 O . 37.34 -6.84 -2.33
O1 SO4 O . 36.43 -7.80 -2.93
O2 SO4 O . 37.48 -7.17 -0.95
O3 SO4 O . 36.86 -5.52 -2.46
O4 SO4 O . 38.67 -6.90 -2.91
S SO4 P . 30.73 16.01 -3.52
O1 SO4 P . 29.84 15.01 -4.07
O2 SO4 P . 32.13 15.54 -3.58
O3 SO4 P . 30.39 16.22 -2.11
O4 SO4 P . 30.57 17.24 -4.25
C1 EDO Q . -0.11 12.02 3.61
O1 EDO Q . 1.27 12.18 3.86
C2 EDO Q . -0.64 12.77 2.47
O2 EDO Q . -1.51 13.78 2.88
C1 EDO R . -8.08 33.03 14.92
O1 EDO R . -9.21 32.62 15.66
C2 EDO R . -6.97 32.04 15.00
O2 EDO R . -6.06 32.25 16.07
C1 EDO S . 34.51 -14.76 4.79
O1 EDO S . 33.76 -15.94 4.87
C2 EDO S . 33.69 -13.53 4.97
O2 EDO S . 34.40 -12.46 5.51
C1 EDO T . 27.19 22.74 0.27
O1 EDO T . 28.03 23.86 0.09
C2 EDO T . 26.30 22.53 -0.87
O2 EDO T . 24.98 22.95 -0.59
C1 EDO U . 39.13 1.44 0.42
O1 EDO U . 39.19 1.52 -1.01
C2 EDO U . 37.77 1.57 1.00
O2 EDO U . 36.97 0.41 0.87
C10 LU8 V . -29.81 -6.84 4.13
C13 LU8 V . -31.10 -6.77 7.69
C15 LU8 V . -29.97 -6.82 9.89
C17 LU8 V . -28.51 -7.32 11.92
C20 LU8 V . -29.64 -5.15 11.82
C21 LU8 V . -30.02 -5.38 10.36
C22 LU8 V . -28.66 -6.87 7.73
C24 LU8 V . -28.95 -6.09 3.33
C26 LU8 V . -26.69 -5.73 1.11
C01 LU8 V . -29.56 -3.01 -2.04
C03 LU8 V . -27.69 -4.09 -0.90
C04 LU8 V . -28.57 -4.75 -0.05
C05 LU8 V . -28.09 -5.58 0.96
C06 LU8 V . -29.04 -6.26 1.92
C07 LU8 V . -29.99 -7.10 1.38
C09 LU8 V . -30.74 -7.65 3.52
C11 LU8 V . -29.85 -6.81 5.62
C12 LU8 V . -31.09 -6.77 6.29
C14 LU8 V . -29.90 -6.80 8.39
C16 LU8 V . -28.76 -7.56 10.44
C19 LU8 V . -28.92 -6.08 13.90
C23 LU8 V . -28.66 -6.86 6.34
C25 LU8 V . -27.93 -5.15 3.95
C27 LU8 V . -25.83 -5.11 0.21
C29 LU8 V . -23.95 -6.01 1.36
C30 LU8 V . -26.33 -4.29 -0.75
C32 LU8 V . -25.21 -4.16 -2.86
N08 LU8 V . -30.83 -7.78 2.19
N18 LU8 V . -29.47 -6.41 12.55
O02 LU8 V . -28.17 -3.28 -1.96
O28 LU8 V . -24.47 -5.21 0.29
O31 LU8 V . -25.45 -3.61 -1.57
S SO4 W . -34.85 -15.29 1.36
O1 SO4 W . -36.04 -14.66 1.88
O2 SO4 W . -34.95 -16.73 1.46
O3 SO4 W . -34.68 -14.96 -0.05
O4 SO4 W . -33.75 -14.78 2.10
C1 EDO X . -2.50 -14.99 13.96
O1 EDO X . -2.47 -14.69 15.41
C2 EDO X . -3.31 -14.02 13.18
O2 EDO X . -4.68 -13.76 13.65
S DMS Y . -11.64 -33.24 -11.12
O DMS Y . -12.32 -32.54 -9.98
C1 DMS Y . -11.37 -32.04 -12.41
C2 DMS Y . -9.94 -33.47 -10.63
BR4 BYZ Z . -17.72 -6.66 -20.64
C4 BYZ Z . -15.86 -6.65 -20.40
C5 BYZ Z . -15.01 -7.61 -20.47
N1 BYZ Z . -14.05 -7.42 -20.27
N2 BYZ Z . -13.83 -6.70 -20.25
C3 BYZ Z . -14.78 -5.82 -20.27
S SO4 AA . -18.72 1.75 7.00
O1 SO4 AA . -18.13 1.50 5.71
O2 SO4 AA . -19.98 1.08 7.10
O3 SO4 AA . -18.90 3.16 7.20
O4 SO4 AA . -17.84 1.23 8.03
S SO4 BA . -12.40 -0.58 6.02
O1 SO4 BA . -13.17 -1.44 6.88
O2 SO4 BA . -11.31 -1.32 5.50
O3 SO4 BA . -13.20 -0.10 4.93
O4 SO4 BA . -11.91 0.55 6.79
C1 EDO CA . -30.50 -14.91 -5.46
O1 EDO CA . -29.80 -14.71 -6.66
C2 EDO CA . -30.23 -14.07 -4.28
O2 EDO CA . -30.93 -12.81 -4.09
C1 EDO DA . 4.34 -18.99 -0.09
O1 EDO DA . 3.62 -19.36 -1.26
C2 EDO DA . 3.99 -19.79 1.12
O2 EDO DA . 2.99 -19.18 1.88
C1 EDO EA . -22.77 -26.18 21.48
O1 EDO EA . -22.35 -27.52 21.58
C2 EDO EA . -21.65 -25.25 21.78
O2 EDO EA . -20.52 -25.94 22.25
#